data_4HOM
#
_entry.id   4HOM
#
_cell.length_a   261.573
_cell.length_b   62.598
_cell.length_c   81.553
_cell.angle_alpha   90.00
_cell.angle_beta   100.27
_cell.angle_gamma   90.00
#
_symmetry.space_group_name_H-M   'C 1 2 1'
#
loop_
_entity.id
_entity.type
_entity.pdbx_description
1 polymer 'Aminopeptidase N'
2 polymer 'substance P'
3 branched 2-acetamido-2-deoxy-beta-D-glucopyranose-(1-4)-2-acetamido-2-deoxy-beta-D-glucopyranose-(1-4)-2-acetamido-2-deoxy-beta-D-glucopyranose
4 branched 2-acetamido-2-deoxy-beta-D-glucopyranose-(1-4)-2-acetamido-2-deoxy-beta-D-glucopyranose
5 non-polymer 2-acetamido-2-deoxy-beta-D-glucopyranose
6 non-polymer 'ZINC ION'
7 water water
#
loop_
_entity_poly.entity_id
_entity_poly.type
_entity_poly.pdbx_seq_one_letter_code
_entity_poly.pdbx_strand_id
1 'polypeptide(L)'
;QSKPWNRYRLPTTLLPDSYNVTLRPYLTPNADGLYIFKGKSIVRFLCQEPTDVIIIHSKKLNYTTQGHMVVLRGVGDSQV
PEIDRTELVELTEYLVVHLKGSLQPGHMYEMESEFQGELADDLAGFYRSEYMEGNVKKVLATTQMQSTDARKSFPCFDEP
AMKATFNITLIHPNNLTALSNMPPKGSSTPLAEDPNWSVTEFETTPVMSTYLLAYIVSEFQSVNETAQNGVLIRIWARPN
AIAEGHGMYALNVTGPILNFFANHYNTSYPLPKSDQIALPDFNAGAMENWGLVTYRENALLFDPQSSSISNKERVVTVIA
HELAHQWFGNLVTLAWWNDLWLNEGFASYVEYLGADHAEPTWNLKDLIVPGDVYRVMAVDALASSHPLTTPAEEVNTPAQ
ISEMFDSISYSKGASVIRMLSNFLTEDLFKEGLASYLHAFAYQNTTYLDLWEHLQKAVDAQTSIRLPDTVRAIMDRWTLQ
MGFPVITVDTKTGNISQKHFLLDSESNVTRSSAFDYLWIVPISSIKNGVMQDHYWLRDVSQAQNDLFKTASDDWVLLNVN
VTGYFQVNYDEDNWRMIQHQLQTNLSVIPVINRAQVIYDSFNLATAHMVPVTLALDNTLFLNGEKEYMPWQAALSSLSYF
SLMFDRSEVYGPMKKYLRKQVEPLFQHFETLTKNWTERPENLMDQYSEINAISTACSNGLPQCENLAKTLFDQWMSDPEN
NPIHPNLRSTIYCNAIAQGGQDQWDFAWGQLQQAQLVNEADKLRSALACSNEVWLLNRYLGYTLNPDLIRKQDATSTINS
IASNVIGQPLAWDFVQSNWKKLFQDYGGGSFSFSNLIQGVTRRFSSEFELQQLEQFKKNNMDVGFGSGTRALEQALEKTK
ANIKWVKENKEVVLNWFIEHSSHHHHHH
;
A
2 'polypeptide(L)' RPKPQQFFGLM B
#
loop_
_chem_comp.id
_chem_comp.type
_chem_comp.name
_chem_comp.formula
NAG D-saccharide, beta linking 2-acetamido-2-deoxy-beta-D-glucopyranose 'C8 H15 N O6'
ZN non-polymer 'ZINC ION' 'Zn 2'
#
# COMPACT_ATOMS: atom_id res chain seq x y z
N GLN A 1 -29.95 12.49 28.48
CA GLN A 1 -28.50 12.39 28.79
C GLN A 1 -27.98 10.96 28.62
N SER A 2 -27.15 10.74 27.60
CA SER A 2 -26.57 9.42 27.36
C SER A 2 -25.50 9.10 28.39
N LYS A 3 -25.38 7.81 28.74
CA LYS A 3 -24.38 7.35 29.70
C LYS A 3 -23.01 7.32 29.05
N PRO A 4 -21.95 7.70 29.80
CA PRO A 4 -20.63 7.75 29.16
C PRO A 4 -20.16 6.39 28.59
N TRP A 5 -20.59 5.29 29.19
CA TRP A 5 -20.20 3.96 28.70
C TRP A 5 -20.92 3.55 27.41
N ASN A 6 -21.88 4.37 26.97
CA ASN A 6 -22.56 4.17 25.69
C ASN A 6 -22.03 5.10 24.60
N ARG A 7 -21.01 5.89 24.93
CA ARG A 7 -20.31 6.74 23.95
C ARG A 7 -19.02 6.09 23.49
N TYR A 8 -18.71 6.22 22.20
CA TYR A 8 -17.53 5.57 21.63
C TYR A 8 -16.20 6.16 22.05
N ARG A 9 -16.17 7.46 22.36
CA ARG A 9 -14.93 8.09 22.83
C ARG A 9 -14.84 8.02 24.35
N LEU A 10 -13.64 7.73 24.86
CA LEU A 10 -13.39 7.69 26.30
C LEU A 10 -13.61 9.04 26.98
N PRO A 11 -14.03 9.03 28.27
CA PRO A 11 -13.98 10.26 29.05
C PRO A 11 -12.55 10.79 29.12
N THR A 12 -12.40 12.06 29.48
CA THR A 12 -11.07 12.64 29.70
C THR A 12 -10.82 12.85 31.20
N THR A 13 -11.70 12.27 32.01
CA THR A 13 -11.60 12.41 33.47
C THR A 13 -10.40 11.67 34.06
N LEU A 14 -9.97 10.59 33.42
CA LEU A 14 -8.87 9.75 33.90
C LEU A 14 -7.84 9.55 32.80
N LEU A 15 -6.56 9.73 33.13
CA LEU A 15 -5.49 9.56 32.15
C LEU A 15 -4.46 8.54 32.64
N PRO A 16 -4.07 7.60 31.77
CA PRO A 16 -3.10 6.59 32.18
C PRO A 16 -1.69 7.16 32.36
N ASP A 17 -0.96 6.59 33.31
CA ASP A 17 0.43 6.95 33.57
C ASP A 17 1.33 5.82 33.08
N SER A 18 1.03 4.61 33.50
CA SER A 18 1.90 3.46 33.23
C SER A 18 1.15 2.16 33.43
N TYR A 19 1.56 1.14 32.68
CA TYR A 19 0.98 -0.18 32.80
C TYR A 19 2.06 -1.22 33.03
N ASN A 20 1.71 -2.20 33.86
CA ASN A 20 2.37 -3.51 33.87
C ASN A 20 1.45 -4.46 33.14
N VAL A 21 1.99 -5.23 32.18
CA VAL A 21 1.20 -6.26 31.49
C VAL A 21 2.04 -7.53 31.39
N THR A 22 1.48 -8.64 31.87
CA THR A 22 2.09 -9.96 31.73
C THR A 22 1.16 -10.83 30.88
N LEU A 23 1.69 -11.37 29.79
CA LEU A 23 0.90 -12.23 28.87
C LEU A 23 1.52 -13.60 28.74
N ARG A 24 0.67 -14.61 28.63
CA ARG A 24 1.12 -15.99 28.55
C ARG A 24 0.33 -16.71 27.48
N PRO A 25 0.88 -16.83 26.26
CA PRO A 25 0.22 -17.61 25.22
C PRO A 25 0.39 -19.11 25.47
N TYR A 26 -0.68 -19.87 25.22
CA TYR A 26 -0.62 -21.32 25.27
C TYR A 26 -0.65 -21.83 23.83
N LEU A 27 0.51 -22.27 23.34
CA LEU A 27 0.65 -22.61 21.94
C LEU A 27 0.23 -24.05 21.61
N THR A 28 -0.21 -24.78 22.63
CA THR A 28 -0.83 -26.10 22.45
C THR A 28 -2.33 -25.95 22.75
N PRO A 29 -3.19 -26.39 21.82
CA PRO A 29 -4.64 -26.28 21.97
C PRO A 29 -5.19 -27.09 23.15
N ASN A 30 -6.38 -26.72 23.64
CA ASN A 30 -6.97 -27.38 24.82
C ASN A 30 -7.73 -28.70 24.60
N ALA A 31 -7.49 -29.35 23.45
CA ALA A 31 -8.09 -30.68 23.13
C ALA A 31 -9.38 -30.59 22.32
N ASP A 32 -10.17 -29.56 22.57
CA ASP A 32 -11.32 -29.20 21.73
C ASP A 32 -10.80 -28.39 20.55
N GLY A 33 -9.54 -28.00 20.66
CA GLY A 33 -8.84 -27.29 19.59
C GLY A 33 -8.75 -25.80 19.84
N LEU A 34 -9.11 -25.37 21.05
CA LEU A 34 -9.07 -23.95 21.41
C LEU A 34 -7.69 -23.53 21.92
N TYR A 35 -7.12 -22.48 21.33
CA TYR A 35 -5.89 -21.90 21.83
C TYR A 35 -6.25 -20.68 22.67
N ILE A 36 -5.64 -20.55 23.85
CA ILE A 36 -5.88 -19.35 24.69
C ILE A 36 -4.59 -18.63 25.07
N PHE A 37 -4.73 -17.39 25.53
CA PHE A 37 -3.67 -16.71 26.26
C PHE A 37 -4.25 -16.25 27.59
N LYS A 38 -3.41 -16.19 28.61
CA LYS A 38 -3.79 -15.64 29.90
C LYS A 38 -3.00 -14.36 30.10
N GLY A 39 -3.56 -13.43 30.88
CA GLY A 39 -2.84 -12.21 31.17
C GLY A 39 -3.15 -11.69 32.56
N LYS A 40 -2.31 -10.77 33.02
CA LYS A 40 -2.52 -10.04 34.25
C LYS A 40 -2.04 -8.63 33.94
N SER A 41 -2.76 -7.62 34.41
CA SER A 41 -2.32 -6.26 34.18
C SER A 41 -2.58 -5.36 35.35
N ILE A 42 -1.74 -4.34 35.51
CA ILE A 42 -2.04 -3.25 36.43
C ILE A 42 -1.84 -1.95 35.66
N VAL A 43 -2.88 -1.11 35.66
CA VAL A 43 -2.75 0.23 35.08
C VAL A 43 -2.78 1.26 36.18
N ARG A 44 -1.80 2.15 36.16
CA ARG A 44 -1.80 3.31 37.03
C ARG A 44 -2.29 4.51 36.24
N PHE A 45 -3.29 5.20 36.78
CA PHE A 45 -3.88 6.34 36.10
C PHE A 45 -4.06 7.51 37.07
N LEU A 46 -4.15 8.72 36.53
CA LEU A 46 -4.40 9.91 37.33
C LEU A 46 -5.82 10.41 37.11
N CYS A 47 -6.49 10.79 38.21
CA CYS A 47 -7.78 11.45 38.12
C CYS A 47 -7.63 12.95 37.85
N GLN A 48 -8.19 13.39 36.72
CA GLN A 48 -8.14 14.80 36.31
C GLN A 48 -9.33 15.57 36.84
N GLU A 49 -10.50 14.94 36.81
CA GLU A 49 -11.75 15.54 37.26
C GLU A 49 -12.47 14.48 38.08
N PRO A 50 -13.21 14.89 39.12
CA PRO A 50 -13.89 13.89 39.97
C PRO A 50 -14.83 13.03 39.14
N THR A 51 -14.86 11.73 39.42
CA THR A 51 -15.75 10.80 38.73
C THR A 51 -15.93 9.53 39.57
N ASP A 52 -17.13 8.95 39.49
CA ASP A 52 -17.45 7.72 40.22
C ASP A 52 -17.55 6.51 39.29
N VAL A 53 -16.93 6.63 38.12
CA VAL A 53 -16.91 5.52 37.17
C VAL A 53 -15.56 5.46 36.45
N ILE A 54 -15.04 4.25 36.30
CA ILE A 54 -13.85 4.03 35.48
C ILE A 54 -14.28 3.30 34.22
N ILE A 55 -13.99 3.92 33.08
CA ILE A 55 -14.30 3.35 31.79
C ILE A 55 -12.98 3.12 31.06
N ILE A 56 -12.75 1.87 30.69
CA ILE A 56 -11.51 1.46 30.04
C ILE A 56 -11.90 0.46 28.95
N HIS A 57 -11.08 0.32 27.91
CA HIS A 57 -11.41 -0.59 26.81
C HIS A 57 -11.12 -2.05 27.17
N SER A 58 -11.99 -2.93 26.71
CA SER A 58 -11.82 -4.38 26.84
C SER A 58 -12.62 -5.05 25.72
N LYS A 59 -11.97 -5.97 25.00
CA LYS A 59 -12.59 -6.63 23.86
C LYS A 59 -12.31 -8.12 23.93
N LYS A 60 -13.37 -8.93 24.01
CA LYS A 60 -13.23 -10.39 23.94
C LYS A 60 -12.31 -10.95 25.02
N LEU A 61 -12.37 -10.34 26.21
CA LEU A 61 -11.61 -10.82 27.36
C LEU A 61 -12.56 -11.33 28.44
N ASN A 62 -12.21 -12.49 29.01
CA ASN A 62 -12.91 -13.04 30.16
C ASN A 62 -12.08 -12.74 31.40
N TYR A 63 -12.73 -12.26 32.45
CA TYR A 63 -12.02 -11.86 33.66
C TYR A 63 -12.03 -12.95 34.71
N THR A 64 -10.87 -13.21 35.30
CA THR A 64 -10.75 -14.22 36.35
C THR A 64 -10.25 -13.61 37.66
N THR A 65 -10.20 -12.29 37.71
CA THR A 65 -9.81 -11.53 38.91
C THR A 65 -10.62 -11.97 40.13
N GLN A 66 -9.94 -12.09 41.28
CA GLN A 66 -10.61 -12.35 42.56
C GLN A 66 -11.55 -11.19 42.90
N GLY A 67 -12.81 -11.51 43.17
CA GLY A 67 -13.83 -10.51 43.52
C GLY A 67 -14.54 -9.96 42.29
N HIS A 68 -14.47 -8.65 42.11
CA HIS A 68 -14.98 -8.00 40.90
C HIS A 68 -13.99 -8.26 39.75
N MET A 69 -14.32 -7.77 38.56
CA MET A 69 -13.43 -7.96 37.40
C MET A 69 -12.09 -7.28 37.56
N VAL A 70 -12.05 -6.27 38.43
CA VAL A 70 -10.80 -5.58 38.77
C VAL A 70 -10.63 -5.46 40.28
N VAL A 71 -9.41 -5.17 40.70
CA VAL A 71 -9.13 -4.70 42.06
C VAL A 71 -8.59 -3.28 41.93
N LEU A 72 -9.06 -2.38 42.79
CA LEU A 72 -8.73 -0.97 42.66
C LEU A 72 -8.02 -0.51 43.93
N ARG A 73 -6.85 0.11 43.77
CA ARG A 73 -6.05 0.57 44.92
C ARG A 73 -5.65 2.03 44.75
N GLY A 74 -5.40 2.71 45.86
CA GLY A 74 -4.82 4.05 45.80
C GLY A 74 -3.31 3.97 45.70
N VAL A 75 -2.72 4.91 44.98
CA VAL A 75 -1.26 5.05 44.92
C VAL A 75 -0.78 5.88 46.12
N GLY A 76 0.37 5.49 46.67
CA GLY A 76 0.91 6.15 47.86
C GLY A 76 -0.06 6.00 49.00
N ASP A 77 -0.47 7.13 49.59
CA ASP A 77 -1.46 7.09 50.67
C ASP A 77 -2.85 7.57 50.25
N SER A 78 -3.15 7.51 48.96
CA SER A 78 -4.49 7.85 48.49
C SER A 78 -5.49 6.78 48.93
N GLN A 79 -6.65 7.20 49.44
CA GLN A 79 -7.76 6.30 49.68
C GLN A 79 -8.46 6.01 48.35
N VAL A 80 -9.23 4.93 48.30
CA VAL A 80 -9.93 4.52 47.09
C VAL A 80 -11.39 4.25 47.44
N PRO A 81 -12.34 4.65 46.57
CA PRO A 81 -13.73 4.27 46.88
C PRO A 81 -13.93 2.77 46.66
N GLU A 82 -14.97 2.22 47.29
CA GLU A 82 -15.34 0.84 47.08
C GLU A 82 -15.96 0.66 45.70
N ILE A 83 -15.78 -0.51 45.12
CA ILE A 83 -16.42 -0.85 43.85
C ILE A 83 -17.88 -1.23 44.13
N ASP A 84 -18.81 -0.67 43.35
CA ASP A 84 -20.19 -1.14 43.37
C ASP A 84 -20.34 -2.41 42.53
N ARG A 85 -19.97 -2.31 41.25
CA ARG A 85 -20.04 -3.45 40.34
C ARG A 85 -19.16 -3.20 39.11
N THR A 86 -18.74 -4.26 38.46
CA THR A 86 -18.04 -4.18 37.19
C THR A 86 -18.90 -4.84 36.12
N GLU A 87 -18.97 -4.23 34.94
CA GLU A 87 -19.73 -4.80 33.83
C GLU A 87 -19.00 -4.59 32.52
N LEU A 88 -19.22 -5.49 31.57
CA LEU A 88 -18.66 -5.36 30.24
C LEU A 88 -19.76 -4.84 29.31
N VAL A 89 -19.45 -3.78 28.55
CA VAL A 89 -20.38 -3.23 27.56
C VAL A 89 -19.78 -3.51 26.18
N GLU A 90 -20.36 -4.51 25.50
CA GLU A 90 -19.70 -5.07 24.33
C GLU A 90 -19.66 -4.13 23.13
N LEU A 91 -20.73 -3.38 22.92
CA LEU A 91 -20.84 -2.51 21.73
C LEU A 91 -19.72 -1.48 21.65
N THR A 92 -19.53 -0.74 22.74
CA THR A 92 -18.48 0.28 22.81
C THR A 92 -17.15 -0.28 23.35
N GLU A 93 -17.10 -1.61 23.52
CA GLU A 93 -15.88 -2.34 23.90
C GLU A 93 -15.25 -1.82 25.20
N TYR A 94 -16.10 -1.71 26.24
CA TYR A 94 -15.68 -1.19 27.53
C TYR A 94 -15.76 -2.20 28.65
N LEU A 95 -14.83 -2.06 29.58
CA LEU A 95 -14.99 -2.57 30.93
C LEU A 95 -15.36 -1.36 31.78
N VAL A 96 -16.44 -1.47 32.54
CA VAL A 96 -16.99 -0.35 33.29
C VAL A 96 -16.99 -0.68 34.79
N VAL A 97 -16.29 0.14 35.56
CA VAL A 97 -16.18 -0.06 37.00
C VAL A 97 -16.96 1.04 37.70
N HIS A 98 -18.13 0.68 38.24
CA HIS A 98 -18.98 1.62 38.96
C HIS A 98 -18.52 1.68 40.41
N LEU A 99 -18.29 2.90 40.90
CA LEU A 99 -17.76 3.08 42.26
C LEU A 99 -18.80 3.63 43.22
N LYS A 100 -18.61 3.37 44.51
CA LYS A 100 -19.51 3.82 45.57
C LYS A 100 -19.25 5.27 45.97
N GLY A 101 -18.16 5.84 45.48
CA GLY A 101 -17.82 7.26 45.72
C GLY A 101 -16.96 7.77 44.57
N SER A 102 -16.49 9.00 44.68
CA SER A 102 -15.79 9.64 43.57
C SER A 102 -14.27 9.61 43.73
N LEU A 103 -13.58 9.32 42.64
CA LEU A 103 -12.14 9.51 42.58
C LEU A 103 -11.86 11.01 42.69
N GLN A 104 -10.64 11.34 43.10
CA GLN A 104 -10.33 12.73 43.48
C GLN A 104 -9.21 13.31 42.61
N PRO A 105 -9.45 14.52 42.05
CA PRO A 105 -8.48 15.18 41.16
C PRO A 105 -7.09 15.23 41.78
N GLY A 106 -6.07 14.89 40.99
CA GLY A 106 -4.69 14.93 41.47
C GLY A 106 -4.20 13.63 42.05
N HIS A 107 -5.12 12.74 42.43
CA HIS A 107 -4.77 11.43 42.97
C HIS A 107 -4.53 10.40 41.87
N MET A 108 -3.57 9.50 42.13
CA MET A 108 -3.29 8.38 41.26
C MET A 108 -3.85 7.08 41.85
N TYR A 109 -4.25 6.18 40.96
CA TYR A 109 -4.88 4.92 41.35
C TYR A 109 -4.29 3.79 40.52
N GLU A 110 -4.30 2.58 41.07
CA GLU A 110 -3.83 1.41 40.35
C GLU A 110 -4.96 0.39 40.27
N MET A 111 -5.20 -0.11 39.06
CA MET A 111 -6.31 -1.04 38.84
C MET A 111 -5.77 -2.34 38.26
N GLU A 112 -6.01 -3.43 38.98
CA GLU A 112 -5.41 -4.73 38.64
C GLU A 112 -6.48 -5.67 38.11
N SER A 113 -6.13 -6.45 37.09
CA SER A 113 -7.07 -7.44 36.57
C SER A 113 -6.36 -8.70 36.14
N GLU A 114 -7.10 -9.80 36.14
CA GLU A 114 -6.63 -11.06 35.59
C GLU A 114 -7.65 -11.54 34.57
N PHE A 115 -7.17 -12.04 33.44
CA PHE A 115 -8.03 -12.25 32.29
C PHE A 115 -7.47 -13.29 31.34
N GLN A 116 -8.31 -13.71 30.41
CA GLN A 116 -7.87 -14.58 29.32
C GLN A 116 -8.72 -14.36 28.09
N GLY A 117 -8.14 -14.71 26.95
CA GLY A 117 -8.81 -14.58 25.66
C GLY A 117 -8.38 -15.72 24.75
N GLU A 118 -9.06 -15.85 23.63
CA GLU A 118 -8.66 -16.82 22.63
C GLU A 118 -7.42 -16.31 21.92
N LEU A 119 -6.43 -17.19 21.76
CA LEU A 119 -5.30 -16.89 20.88
C LEU A 119 -5.72 -17.35 19.48
N ALA A 120 -6.58 -16.56 18.84
CA ALA A 120 -7.24 -16.97 17.61
C ALA A 120 -6.33 -16.76 16.39
N ASP A 121 -6.61 -17.45 15.29
CA ASP A 121 -5.85 -17.20 14.07
C ASP A 121 -6.57 -16.12 13.24
N ASP A 122 -6.67 -14.93 13.85
CA ASP A 122 -7.53 -13.85 13.34
C ASP A 122 -6.79 -12.52 13.11
N LEU A 123 -5.46 -12.53 13.23
CA LEU A 123 -4.62 -11.34 12.97
C LEU A 123 -5.05 -10.09 13.74
N ALA A 124 -5.52 -10.26 14.97
CA ALA A 124 -6.06 -9.16 15.77
C ALA A 124 -5.74 -9.34 17.25
N GLY A 125 -5.22 -8.27 17.88
CA GLY A 125 -4.77 -8.32 19.27
C GLY A 125 -3.59 -9.27 19.41
N PHE A 126 -3.60 -10.07 20.46
CA PHE A 126 -2.61 -11.14 20.66
C PHE A 126 -3.24 -12.35 19.98
N TYR A 127 -2.57 -12.88 18.97
CA TYR A 127 -3.17 -13.93 18.12
C TYR A 127 -2.14 -14.98 17.75
N ARG A 128 -2.58 -16.10 17.17
CA ARG A 128 -1.63 -17.14 16.75
C ARG A 128 -1.46 -17.17 15.23
N SER A 129 -0.26 -17.59 14.80
CA SER A 129 0.03 -17.78 13.38
C SER A 129 0.64 -19.17 13.18
N GLU A 130 0.03 -19.95 12.30
CA GLU A 130 0.44 -21.33 12.02
C GLU A 130 1.18 -21.41 10.70
N TYR A 131 2.32 -22.12 10.69
CA TYR A 131 3.10 -22.32 9.48
C TYR A 131 3.82 -23.67 9.55
N MET A 132 4.50 -24.04 8.46
CA MET A 132 5.16 -25.35 8.35
C MET A 132 6.69 -25.30 8.31
N GLU A 133 7.33 -26.16 9.11
CA GLU A 133 8.78 -26.40 9.00
C GLU A 133 9.04 -27.88 8.73
N GLY A 134 9.20 -28.21 7.46
CA GLY A 134 9.37 -29.61 7.03
C GLY A 134 8.11 -30.41 7.26
N ASN A 135 8.16 -31.31 8.25
CA ASN A 135 7.02 -32.17 8.57
C ASN A 135 6.07 -31.56 9.60
N VAL A 136 6.54 -30.51 10.29
CA VAL A 136 5.90 -30.05 11.52
C VAL A 136 5.11 -28.75 11.32
N LYS A 137 3.86 -28.76 11.80
CA LYS A 137 3.10 -27.52 11.91
C LYS A 137 3.63 -26.75 13.11
N LYS A 138 4.13 -25.54 12.85
CA LYS A 138 4.58 -24.66 13.91
C LYS A 138 3.49 -23.62 14.18
N VAL A 139 3.47 -23.13 15.42
CA VAL A 139 2.52 -22.11 15.83
C VAL A 139 3.30 -21.09 16.64
N LEU A 140 3.18 -19.81 16.26
CA LEU A 140 3.75 -18.73 17.07
C LEU A 140 2.66 -17.80 17.59
N ALA A 141 3.01 -16.97 18.58
CA ALA A 141 2.12 -15.93 19.07
C ALA A 141 2.70 -14.57 18.73
N THR A 142 1.84 -13.67 18.26
CA THR A 142 2.29 -12.36 17.82
C THR A 142 1.14 -11.38 17.97
N THR A 143 1.39 -10.10 17.67
CA THR A 143 0.37 -9.08 17.88
C THR A 143 0.07 -8.23 16.66
N GLN A 144 -1.15 -7.73 16.60
CA GLN A 144 -1.52 -6.65 15.69
C GLN A 144 -2.56 -5.78 16.41
N MET A 145 -2.11 -4.68 17.01
CA MET A 145 -3.02 -3.81 17.76
C MET A 145 -3.73 -2.81 16.85
N GLN A 146 -3.05 -2.42 15.77
CA GLN A 146 -3.60 -1.43 14.81
C GLN A 146 -4.99 -1.85 14.37
N SER A 147 -6.04 -1.02 14.55
CA SER A 147 -6.01 0.28 15.25
C SER A 147 -6.55 0.19 16.68
N THR A 148 -7.54 -0.66 16.89
CA THR A 148 -8.28 -0.67 18.14
C THR A 148 -8.29 -2.06 18.77
N ASP A 149 -7.17 -2.77 18.65
CA ASP A 149 -7.10 -4.12 19.17
C ASP A 149 -6.14 -4.37 20.34
N ALA A 150 -5.45 -3.33 20.81
CA ALA A 150 -4.69 -3.52 22.05
C ALA A 150 -5.63 -4.00 23.17
N ARG A 151 -6.84 -3.44 23.18
CA ARG A 151 -7.90 -3.78 24.14
C ARG A 151 -8.36 -5.24 24.05
N LYS A 152 -7.94 -5.93 22.99
CA LYS A 152 -8.27 -7.35 22.80
C LYS A 152 -7.21 -8.21 23.51
N SER A 153 -6.10 -7.59 23.91
CA SER A 153 -5.02 -8.32 24.58
C SER A 153 -4.94 -8.04 26.07
N PHE A 154 -5.35 -6.83 26.47
CA PHE A 154 -5.41 -6.43 27.88
C PHE A 154 -6.25 -5.16 28.01
N PRO A 155 -6.88 -4.95 29.18
CA PRO A 155 -7.71 -3.76 29.33
C PRO A 155 -6.85 -2.50 29.36
N CYS A 156 -7.22 -1.50 28.57
CA CYS A 156 -6.39 -0.29 28.44
C CYS A 156 -7.22 0.88 27.92
N PHE A 157 -6.71 2.08 28.13
CA PHE A 157 -7.32 3.30 27.59
C PHE A 157 -6.83 3.35 26.15
N ASP A 158 -7.57 2.70 25.26
CA ASP A 158 -7.06 2.36 23.94
C ASP A 158 -7.41 3.44 22.92
N GLU A 159 -6.90 4.65 23.14
CA GLU A 159 -6.93 5.76 22.16
C GLU A 159 -5.51 6.31 22.02
N PRO A 160 -5.13 6.72 20.80
CA PRO A 160 -3.71 7.01 20.53
C PRO A 160 -3.10 8.17 21.32
N ALA A 161 -3.90 9.17 21.71
CA ALA A 161 -3.39 10.31 22.48
C ALA A 161 -3.13 9.96 23.95
N MET A 162 -3.70 8.85 24.40
CA MET A 162 -3.61 8.50 25.81
C MET A 162 -2.36 7.64 26.08
N LYS A 163 -1.21 8.29 25.97
CA LYS A 163 0.07 7.59 26.00
C LYS A 163 0.48 7.27 27.42
N ALA A 164 1.32 6.25 27.56
CA ALA A 164 1.80 5.81 28.87
C ALA A 164 3.06 5.00 28.64
N THR A 165 3.76 4.66 29.72
CA THR A 165 4.85 3.69 29.63
C THR A 165 4.29 2.30 29.88
N PHE A 166 4.95 1.29 29.34
CA PHE A 166 4.49 -0.11 29.44
C PHE A 166 5.63 -1.01 29.89
N ASN A 167 5.36 -1.80 30.93
CA ASN A 167 6.29 -2.83 31.39
C ASN A 167 5.70 -4.15 31.00
N ILE A 168 6.26 -4.74 29.93
CA ILE A 168 5.76 -5.98 29.38
C ILE A 168 6.55 -7.16 29.93
N THR A 169 5.83 -8.22 30.32
CA THR A 169 6.43 -9.51 30.64
C THR A 169 5.74 -10.57 29.82
N LEU A 170 6.54 -11.46 29.23
CA LEU A 170 6.02 -12.64 28.56
C LEU A 170 6.39 -13.90 29.32
N ILE A 171 5.41 -14.78 29.49
CA ILE A 171 5.63 -16.12 30.03
C ILE A 171 5.42 -17.11 28.87
N HIS A 172 6.45 -17.91 28.59
CA HIS A 172 6.53 -18.67 27.35
C HIS A 172 7.30 -19.97 27.54
N PRO A 173 7.09 -20.94 26.61
CA PRO A 173 7.91 -22.15 26.65
C PRO A 173 9.39 -21.77 26.66
N ASN A 174 10.19 -22.50 27.44
CA ASN A 174 11.56 -22.08 27.69
C ASN A 174 12.53 -22.21 26.50
N ASN A 175 12.11 -22.91 25.45
CA ASN A 175 12.95 -23.01 24.26
C ASN A 175 12.50 -22.10 23.12
N LEU A 176 11.57 -21.19 23.43
CA LEU A 176 11.13 -20.17 22.48
C LEU A 176 11.68 -18.81 22.86
N THR A 177 11.79 -17.93 21.88
CA THR A 177 12.27 -16.55 22.09
C THR A 177 11.09 -15.59 22.22
N ALA A 178 11.17 -14.69 23.20
CA ALA A 178 10.17 -13.66 23.44
C ALA A 178 10.72 -12.29 23.05
N LEU A 179 9.95 -11.55 22.25
CA LEU A 179 10.34 -10.21 21.80
C LEU A 179 9.23 -9.21 22.11
N SER A 180 9.61 -7.96 22.29
CA SER A 180 8.65 -6.89 22.50
C SER A 180 9.28 -5.59 22.02
N ASN A 181 8.62 -4.47 22.30
CA ASN A 181 9.08 -3.16 21.85
C ASN A 181 10.49 -2.85 22.32
N MET A 182 10.78 -3.19 23.58
CA MET A 182 12.05 -2.87 24.22
C MET A 182 12.93 -4.11 24.35
N PRO A 183 14.24 -3.93 24.62
CA PRO A 183 15.10 -5.08 24.93
C PRO A 183 14.60 -5.82 26.18
N PRO A 184 14.91 -7.11 26.30
CA PRO A 184 14.68 -7.81 27.55
C PRO A 184 15.55 -7.20 28.65
N LYS A 185 15.05 -7.18 29.88
CA LYS A 185 15.82 -6.62 31.01
C LYS A 185 17.07 -7.42 31.34
N GLY A 186 16.98 -8.71 31.11
CA GLY A 186 18.10 -9.61 31.36
C GLY A 186 17.71 -10.98 30.88
N SER A 187 18.40 -12.00 31.39
CA SER A 187 18.10 -13.37 31.04
C SER A 187 16.72 -13.76 31.55
N SER A 188 16.06 -14.65 30.81
CA SER A 188 14.78 -15.21 31.23
C SER A 188 14.99 -16.08 32.46
N THR A 189 13.98 -16.17 33.31
CA THR A 189 14.05 -16.99 34.51
C THR A 189 12.95 -18.05 34.44
N PRO A 190 13.17 -19.22 35.10
CA PRO A 190 12.13 -20.24 35.01
C PRO A 190 10.86 -19.81 35.75
N LEU A 191 9.70 -20.19 35.22
CA LEU A 191 8.44 -19.97 35.93
C LEU A 191 8.36 -20.94 37.10
N ALA A 192 8.21 -20.42 38.31
CA ALA A 192 8.16 -21.26 39.53
C ALA A 192 7.13 -22.39 39.47
N GLU A 193 5.90 -22.07 39.05
CA GLU A 193 4.81 -23.06 39.00
C GLU A 193 5.03 -24.16 37.97
N ASP A 194 5.80 -23.86 36.93
CA ASP A 194 6.13 -24.85 35.90
C ASP A 194 7.39 -24.41 35.12
N PRO A 195 8.58 -24.89 35.55
CA PRO A 195 9.86 -24.52 34.91
C PRO A 195 10.04 -24.91 33.44
N ASN A 196 9.05 -25.61 32.86
CA ASN A 196 9.02 -25.77 31.40
C ASN A 196 8.77 -24.44 30.70
N TRP A 197 8.22 -23.49 31.45
CA TRP A 197 8.01 -22.13 30.99
C TRP A 197 9.09 -21.19 31.55
N SER A 198 9.40 -20.16 30.79
CA SER A 198 10.28 -19.09 31.25
C SER A 198 9.55 -17.74 31.29
N VAL A 199 10.15 -16.81 32.01
CA VAL A 199 9.59 -15.48 32.19
C VAL A 199 10.60 -14.49 31.63
N THR A 200 10.18 -13.71 30.64
CA THR A 200 11.03 -12.67 30.05
C THR A 200 10.39 -11.30 30.32
N GLU A 201 11.10 -10.46 31.07
CA GLU A 201 10.67 -9.09 31.33
C GLU A 201 11.39 -8.15 30.40
N PHE A 202 10.69 -7.12 29.95
CA PHE A 202 11.26 -6.15 29.02
C PHE A 202 11.47 -4.80 29.72
N GLU A 203 12.44 -4.03 29.26
CA GLU A 203 12.63 -2.68 29.78
C GLU A 203 11.40 -1.82 29.52
N THR A 204 11.15 -0.87 30.42
CA THR A 204 10.05 0.07 30.29
C THR A 204 10.10 0.80 28.93
N THR A 205 8.95 0.85 28.24
CA THR A 205 8.86 1.60 26.98
C THR A 205 8.94 3.11 27.25
N PRO A 206 9.28 3.90 26.22
CA PRO A 206 9.02 5.33 26.39
C PRO A 206 7.50 5.53 26.50
N VAL A 207 7.10 6.75 26.83
CA VAL A 207 5.69 7.15 26.76
C VAL A 207 5.23 6.90 25.32
N MET A 208 4.13 6.15 25.16
CA MET A 208 3.72 5.66 23.84
C MET A 208 2.25 5.26 23.76
N SER A 209 1.77 5.07 22.54
CA SER A 209 0.39 4.70 22.27
C SER A 209 0.20 3.19 22.32
N THR A 210 -0.96 2.76 22.82
CA THR A 210 -1.32 1.34 22.84
C THR A 210 -1.26 0.67 21.47
N TYR A 211 -1.65 1.38 20.39
CA TYR A 211 -1.72 0.72 19.09
C TYR A 211 -0.35 0.33 18.53
N LEU A 212 0.72 0.77 19.19
CA LEU A 212 2.09 0.54 18.74
C LEU A 212 2.83 -0.53 19.56
N LEU A 213 2.13 -1.11 20.52
CA LEU A 213 2.71 -2.20 21.32
C LEU A 213 2.84 -3.48 20.50
N ALA A 214 3.87 -4.26 20.79
CA ALA A 214 4.00 -5.59 20.18
C ALA A 214 4.72 -6.55 21.10
N TYR A 215 4.32 -7.82 21.01
CA TYR A 215 5.03 -8.90 21.70
C TYR A 215 4.86 -10.20 20.94
N ILE A 216 5.95 -10.96 20.84
CA ILE A 216 5.99 -12.11 19.98
C ILE A 216 6.73 -13.25 20.66
N VAL A 217 6.16 -14.45 20.57
CA VAL A 217 6.80 -15.67 21.07
C VAL A 217 6.93 -16.64 19.90
N SER A 218 8.15 -17.05 19.60
CA SER A 218 8.40 -17.89 18.41
C SER A 218 9.73 -18.62 18.50
N GLU A 219 10.00 -19.47 17.49
CA GLU A 219 11.29 -20.14 17.32
C GLU A 219 12.21 -19.37 16.41
N PHE A 220 11.91 -18.09 16.17
CA PHE A 220 12.63 -17.34 15.13
C PHE A 220 14.09 -17.06 15.48
N GLN A 221 14.91 -16.97 14.45
CA GLN A 221 16.32 -16.59 14.62
C GLN A 221 16.57 -15.25 13.93
N SER A 222 17.76 -14.70 14.10
CA SER A 222 18.05 -13.36 13.57
C SER A 222 19.43 -13.27 12.94
N VAL A 223 19.57 -12.27 12.06
CA VAL A 223 20.88 -11.74 11.70
C VAL A 223 20.97 -10.34 12.32
N ASN A 224 22.17 -9.92 12.70
CA ASN A 224 22.33 -8.71 13.52
C ASN A 224 23.46 -7.82 13.08
N GLU A 225 23.32 -6.54 13.44
CA GLU A 225 24.38 -5.56 13.28
C GLU A 225 24.24 -4.58 14.43
N THR A 226 25.38 -4.16 14.99
CA THR A 226 25.37 -3.08 15.95
C THR A 226 25.86 -1.83 15.25
N ALA A 227 24.99 -0.82 15.15
CA ALA A 227 25.39 0.47 14.58
C ALA A 227 26.45 1.14 15.46
N GLN A 228 27.22 2.07 14.87
CA GLN A 228 28.28 2.79 15.58
C GLN A 228 27.83 3.42 16.90
N ASN A 229 26.57 3.86 16.95
CA ASN A 229 25.99 4.47 18.14
C ASN A 229 25.40 3.47 19.15
N GLY A 230 25.76 2.20 18.99
CA GLY A 230 25.34 1.17 19.94
C GLY A 230 23.97 0.56 19.69
N VAL A 231 23.19 1.15 18.79
CA VAL A 231 21.85 0.65 18.48
C VAL A 231 21.97 -0.72 17.81
N LEU A 232 21.32 -1.71 18.42
CA LEU A 232 21.33 -3.08 17.90
C LEU A 232 20.22 -3.24 16.86
N ILE A 233 20.61 -3.74 15.69
CA ILE A 233 19.68 -3.95 14.59
C ILE A 233 19.58 -5.45 14.34
N ARG A 234 18.35 -5.98 14.33
CA ARG A 234 18.13 -7.39 14.04
C ARG A 234 17.01 -7.59 13.04
N ILE A 235 17.22 -8.52 12.11
CA ILE A 235 16.15 -9.05 11.26
C ILE A 235 15.83 -10.46 11.73
N TRP A 236 14.58 -10.70 12.10
CA TRP A 236 14.11 -11.99 12.59
C TRP A 236 13.29 -12.72 11.54
N ALA A 237 13.49 -14.04 11.44
CA ALA A 237 12.70 -14.86 10.53
C ALA A 237 12.74 -16.32 10.94
N ARG A 238 11.95 -17.15 10.24
CA ARG A 238 11.99 -18.60 10.37
C ARG A 238 13.45 -19.06 10.27
N PRO A 239 13.84 -20.03 11.12
CA PRO A 239 15.22 -20.53 11.10
C PRO A 239 15.72 -20.88 9.69
N ASN A 240 14.90 -21.54 8.88
CA ASN A 240 15.32 -21.91 7.52
C ASN A 240 15.55 -20.72 6.59
N ALA A 241 14.72 -19.69 6.74
CA ALA A 241 14.87 -18.45 5.96
C ALA A 241 16.16 -17.71 6.32
N ILE A 242 16.45 -17.63 7.61
CA ILE A 242 17.72 -17.04 8.09
C ILE A 242 18.91 -17.82 7.55
N ALA A 243 18.86 -19.15 7.66
CA ALA A 243 19.93 -20.03 7.21
C ALA A 243 20.21 -19.92 5.72
N GLU A 244 19.18 -19.61 4.93
CA GLU A 244 19.35 -19.45 3.48
C GLU A 244 19.85 -18.05 3.11
N GLY A 245 19.96 -17.17 4.10
CA GLY A 245 20.50 -15.82 3.91
C GLY A 245 19.48 -14.79 3.44
N HIS A 246 18.19 -15.12 3.55
CA HIS A 246 17.15 -14.26 3.02
C HIS A 246 16.89 -12.98 3.81
N GLY A 247 17.48 -12.88 4.99
CA GLY A 247 17.38 -11.67 5.81
C GLY A 247 18.46 -10.63 5.52
N MET A 248 19.42 -10.97 4.66
CA MET A 248 20.61 -10.14 4.49
C MET A 248 20.36 -8.78 3.85
N TYR A 249 19.50 -8.73 2.82
CA TYR A 249 19.20 -7.44 2.18
C TYR A 249 18.56 -6.46 3.16
N ALA A 250 17.55 -6.92 3.88
CA ALA A 250 16.92 -6.12 4.92
C ALA A 250 17.95 -5.60 5.92
N LEU A 251 18.84 -6.50 6.38
CA LEU A 251 19.89 -6.09 7.29
C LEU A 251 20.79 -5.01 6.66
N ASN A 252 21.13 -5.21 5.39
CA ASN A 252 21.99 -4.29 4.63
C ASN A 252 21.48 -2.86 4.59
N VAL A 253 20.18 -2.71 4.38
CA VAL A 253 19.60 -1.38 4.16
C VAL A 253 19.14 -0.67 5.42
N THR A 254 18.91 -1.42 6.50
CA THR A 254 18.28 -0.87 7.70
C THR A 254 19.14 0.21 8.37
N GLY A 255 20.43 -0.08 8.54
CA GLY A 255 21.38 0.88 9.13
C GLY A 255 21.39 2.19 8.37
N PRO A 256 21.66 2.16 7.05
CA PRO A 256 21.60 3.38 6.25
C PRO A 256 20.26 4.13 6.37
N ILE A 257 19.15 3.41 6.39
CA ILE A 257 17.83 4.06 6.45
C ILE A 257 17.60 4.76 7.80
N LEU A 258 17.93 4.09 8.91
CA LEU A 258 17.82 4.70 10.23
C LEU A 258 18.70 5.96 10.32
N ASN A 259 19.91 5.86 9.76
CA ASN A 259 20.83 6.99 9.72
C ASN A 259 20.28 8.16 8.90
N PHE A 260 19.71 7.85 7.74
CA PHE A 260 19.09 8.88 6.92
C PHE A 260 18.02 9.62 7.72
N PHE A 261 17.10 8.87 8.34
CA PHE A 261 16.00 9.48 9.04
C PHE A 261 16.42 10.28 10.26
N ALA A 262 17.36 9.77 11.05
CA ALA A 262 17.85 10.54 12.21
C ALA A 262 18.32 11.93 11.75
N ASN A 263 19.09 11.96 10.66
CA ASN A 263 19.52 13.22 10.05
C ASN A 263 18.37 14.04 9.45
N HIS A 264 17.53 13.40 8.64
CA HIS A 264 16.39 14.05 7.99
C HIS A 264 15.49 14.73 9.03
N TYR A 265 15.28 14.04 10.14
CA TYR A 265 14.37 14.53 11.18
C TYR A 265 15.08 15.38 12.22
N ASN A 266 16.42 15.46 12.11
CA ASN A 266 17.22 16.19 13.09
C ASN A 266 16.97 15.65 14.51
N THR A 267 16.72 14.35 14.61
CA THR A 267 16.29 13.72 15.86
C THR A 267 16.86 12.31 15.96
N SER A 268 17.55 12.02 17.06
CA SER A 268 18.10 10.69 17.30
C SER A 268 17.00 9.62 17.28
N TYR A 269 17.32 8.45 16.72
CA TYR A 269 16.46 7.29 16.84
C TYR A 269 16.11 7.12 18.33
N PRO A 270 14.81 7.06 18.66
CA PRO A 270 14.42 7.18 20.06
C PRO A 270 14.42 5.88 20.87
N LEU A 271 14.97 4.80 20.33
CA LEU A 271 14.95 3.49 21.02
C LEU A 271 16.35 2.87 21.10
N PRO A 272 16.57 1.93 22.04
CA PRO A 272 17.90 1.32 22.14
C PRO A 272 18.15 0.27 21.06
N LYS A 273 17.09 -0.21 20.43
CA LYS A 273 17.25 -1.28 19.45
C LYS A 273 16.18 -1.23 18.38
N SER A 274 16.45 -1.93 17.28
CA SER A 274 15.49 -2.07 16.17
C SER A 274 15.36 -3.53 15.78
N ASP A 275 14.18 -4.10 16.01
CA ASP A 275 13.86 -5.44 15.52
C ASP A 275 12.89 -5.31 14.35
N GLN A 276 13.12 -6.10 13.31
CA GLN A 276 12.14 -6.25 12.25
C GLN A 276 11.93 -7.72 12.04
N ILE A 277 10.67 -8.14 11.90
CA ILE A 277 10.38 -9.57 11.85
C ILE A 277 9.52 -9.92 10.62
N ALA A 278 9.92 -10.98 9.93
CA ALA A 278 9.23 -11.47 8.74
C ALA A 278 8.27 -12.60 9.13
N LEU A 279 6.97 -12.33 9.03
CA LEU A 279 5.96 -13.31 9.41
C LEU A 279 5.34 -13.99 8.18
N PRO A 280 5.19 -15.32 8.22
CA PRO A 280 4.55 -15.96 7.06
C PRO A 280 3.05 -15.60 6.97
N ASP A 281 2.61 -15.09 5.83
CA ASP A 281 1.18 -14.76 5.59
C ASP A 281 0.57 -13.68 6.50
N PHE A 282 1.37 -12.70 6.89
CA PHE A 282 0.88 -11.55 7.65
C PHE A 282 0.08 -10.67 6.70
N ASN A 283 -1.24 -10.80 6.75
CA ASN A 283 -2.13 -10.20 5.74
C ASN A 283 -2.18 -8.67 5.77
N ALA A 284 -1.88 -8.09 6.93
CA ALA A 284 -1.84 -6.64 7.07
C ALA A 284 -0.65 -5.99 6.32
N GLY A 285 0.27 -6.82 5.82
CA GLY A 285 1.41 -6.33 5.04
C GLY A 285 2.63 -5.95 5.87
N ALA A 286 2.46 -4.91 6.70
CA ALA A 286 3.49 -4.50 7.68
C ALA A 286 2.87 -3.59 8.73
N MET A 287 3.48 -3.54 9.91
CA MET A 287 2.98 -2.69 10.98
C MET A 287 4.13 -2.09 11.78
N GLU A 288 4.08 -0.78 11.97
CA GLU A 288 5.21 0.00 12.46
C GLU A 288 5.41 -0.01 13.99
N ASN A 289 5.08 -1.13 14.65
CA ASN A 289 5.19 -1.20 16.13
C ASN A 289 6.57 -0.69 16.58
N TRP A 290 6.58 0.12 17.64
CA TRP A 290 7.75 0.91 17.95
C TRP A 290 8.84 0.00 18.51
N GLY A 291 9.91 -0.20 17.73
CA GLY A 291 11.01 -1.08 18.13
C GLY A 291 10.89 -2.52 17.68
N LEU A 292 9.73 -2.89 17.13
CA LEU A 292 9.46 -4.28 16.71
C LEU A 292 8.48 -4.28 15.53
N VAL A 293 9.00 -4.00 14.35
CA VAL A 293 8.17 -3.82 13.18
C VAL A 293 7.91 -5.17 12.55
N THR A 294 6.64 -5.45 12.24
CA THR A 294 6.26 -6.75 11.66
C THR A 294 6.01 -6.56 10.16
N TYR A 295 6.35 -7.59 9.38
CA TYR A 295 6.22 -7.60 7.91
C TYR A 295 5.73 -8.97 7.48
N ARG A 296 4.98 -9.04 6.37
CA ARG A 296 4.80 -10.32 5.72
C ARG A 296 6.17 -10.73 5.17
N GLU A 297 6.43 -12.03 5.15
CA GLU A 297 7.74 -12.55 4.75
C GLU A 297 8.24 -12.03 3.41
N ASN A 298 7.36 -12.02 2.42
CA ASN A 298 7.73 -11.57 1.08
C ASN A 298 7.97 -10.07 0.97
N ALA A 299 7.62 -9.31 2.01
CA ALA A 299 7.91 -7.88 2.03
C ALA A 299 9.28 -7.58 2.61
N LEU A 300 9.81 -8.48 3.43
CA LEU A 300 11.07 -8.24 4.15
C LEU A 300 12.22 -9.10 3.67
N LEU A 301 11.92 -10.34 3.31
CA LEU A 301 12.96 -11.26 2.92
C LEU A 301 13.23 -11.13 1.44
N PHE A 302 14.42 -11.56 1.03
CA PHE A 302 14.83 -11.44 -0.35
C PHE A 302 15.78 -12.57 -0.68
N ASP A 303 15.48 -13.29 -1.76
CA ASP A 303 16.35 -14.35 -2.24
C ASP A 303 17.01 -13.91 -3.55
N PRO A 304 18.31 -13.60 -3.51
CA PRO A 304 19.01 -13.13 -4.70
C PRO A 304 18.98 -14.13 -5.87
N GLN A 305 18.82 -15.41 -5.56
CA GLN A 305 18.83 -16.47 -6.58
C GLN A 305 17.57 -16.50 -7.44
N SER A 306 16.45 -16.10 -6.85
CA SER A 306 15.15 -16.27 -7.50
C SER A 306 14.31 -14.99 -7.57
N SER A 307 14.72 -13.97 -6.83
CA SER A 307 13.94 -12.72 -6.74
C SER A 307 14.35 -11.71 -7.81
N SER A 308 13.37 -11.03 -8.37
CA SER A 308 13.62 -10.00 -9.37
C SER A 308 13.95 -8.68 -8.70
N ILE A 309 14.43 -7.73 -9.50
CA ILE A 309 14.76 -6.37 -9.04
C ILE A 309 13.57 -5.64 -8.40
N SER A 310 12.36 -5.89 -8.90
CA SER A 310 11.17 -5.28 -8.29
C SER A 310 10.90 -5.78 -6.87
N ASN A 311 11.34 -7.02 -6.57
CA ASN A 311 11.28 -7.52 -5.20
C ASN A 311 12.22 -6.72 -4.30
N LYS A 312 13.41 -6.43 -4.83
CA LYS A 312 14.40 -5.67 -4.09
C LYS A 312 13.85 -4.28 -3.78
N GLU A 313 13.22 -3.67 -4.77
CA GLU A 313 12.63 -2.35 -4.60
C GLU A 313 11.48 -2.37 -3.58
N ARG A 314 10.70 -3.45 -3.58
CA ARG A 314 9.64 -3.60 -2.59
C ARG A 314 10.20 -3.69 -1.17
N VAL A 315 11.28 -4.42 -0.99
CA VAL A 315 11.88 -4.56 0.35
C VAL A 315 12.40 -3.22 0.89
N VAL A 316 13.25 -2.55 0.11
CA VAL A 316 13.87 -1.31 0.59
C VAL A 316 12.85 -0.20 0.87
N THR A 317 11.80 -0.12 0.06
CA THR A 317 10.77 0.89 0.27
C THR A 317 9.83 0.57 1.42
N VAL A 318 9.47 -0.70 1.58
CA VAL A 318 8.60 -1.12 2.70
C VAL A 318 9.30 -0.88 4.04
N ILE A 319 10.60 -1.23 4.11
CA ILE A 319 11.43 -0.93 5.28
C ILE A 319 11.51 0.57 5.56
N ALA A 320 11.81 1.36 4.53
CA ALA A 320 11.92 2.81 4.69
C ALA A 320 10.60 3.39 5.18
N HIS A 321 9.48 2.84 4.70
CA HIS A 321 8.16 3.30 5.13
C HIS A 321 7.94 3.09 6.64
N GLU A 322 8.14 1.86 7.10
CA GLU A 322 7.88 1.53 8.50
C GLU A 322 8.87 2.25 9.43
N LEU A 323 10.13 2.35 9.00
CA LEU A 323 11.14 3.04 9.81
C LEU A 323 10.89 4.56 9.89
N ALA A 324 10.33 5.14 8.83
CA ALA A 324 9.91 6.53 8.87
C ALA A 324 9.02 6.80 10.09
N HIS A 325 8.11 5.85 10.36
CA HIS A 325 7.13 6.01 11.42
C HIS A 325 7.78 6.02 12.80
N GLN A 326 8.99 5.49 12.91
CA GLN A 326 9.63 5.38 14.23
C GLN A 326 9.84 6.77 14.84
N TRP A 327 9.82 7.79 13.99
CA TRP A 327 9.70 9.17 14.45
C TRP A 327 8.30 9.72 14.15
N PHE A 328 7.96 9.81 12.87
CA PHE A 328 6.70 10.48 12.49
C PHE A 328 5.54 9.51 12.60
N GLY A 329 4.72 9.67 13.64
CA GLY A 329 3.69 8.68 13.97
C GLY A 329 3.87 8.05 15.36
N ASN A 330 5.09 7.62 15.67
CA ASN A 330 5.34 6.92 16.95
C ASN A 330 5.90 7.85 18.03
N LEU A 331 6.91 8.63 17.69
CA LEU A 331 7.44 9.64 18.61
C LEU A 331 6.45 10.80 18.77
N VAL A 332 5.96 11.32 17.64
CA VAL A 332 4.87 12.29 17.66
C VAL A 332 3.68 11.64 16.98
N THR A 333 2.56 11.55 17.70
CA THR A 333 1.42 10.73 17.28
C THR A 333 0.21 11.61 17.00
N LEU A 334 -0.47 11.37 15.88
CA LEU A 334 -1.70 12.14 15.63
C LEU A 334 -2.75 11.77 16.68
N ALA A 335 -3.39 12.80 17.23
CA ALA A 335 -4.31 12.67 18.36
C ALA A 335 -5.50 11.78 18.07
N TRP A 336 -5.92 11.71 16.81
CA TRP A 336 -7.08 10.88 16.48
C TRP A 336 -7.06 10.40 15.04
N TRP A 337 -7.80 9.32 14.80
CA TRP A 337 -7.76 8.59 13.54
C TRP A 337 -8.22 9.40 12.34
N ASN A 338 -8.95 10.49 12.56
CA ASN A 338 -9.38 11.33 11.43
C ASN A 338 -8.18 11.96 10.71
N ASP A 339 -7.06 12.06 11.42
CA ASP A 339 -5.81 12.59 10.87
C ASP A 339 -4.85 11.50 10.41
N LEU A 340 -5.35 10.27 10.29
CA LEU A 340 -4.50 9.18 9.84
C LEU A 340 -3.76 9.50 8.54
N TRP A 341 -4.42 10.20 7.62
CA TRP A 341 -3.80 10.54 6.32
C TRP A 341 -2.45 11.24 6.48
N LEU A 342 -2.30 12.09 7.51
CA LEU A 342 -1.03 12.78 7.71
C LEU A 342 0.08 11.79 8.06
N ASN A 343 -0.22 10.87 8.99
CA ASN A 343 0.74 9.86 9.37
C ASN A 343 1.12 8.93 8.20
N GLU A 344 0.12 8.29 7.60
CA GLU A 344 0.37 7.34 6.49
C GLU A 344 0.81 8.05 5.22
N GLY A 345 0.22 9.21 4.94
CA GLY A 345 0.65 10.04 3.82
C GLY A 345 2.11 10.45 3.96
N PHE A 346 2.50 10.90 5.15
CA PHE A 346 3.89 11.30 5.35
C PHE A 346 4.86 10.13 5.12
N ALA A 347 4.60 8.99 5.75
CA ALA A 347 5.45 7.80 5.55
C ALA A 347 5.45 7.33 4.10
N SER A 348 4.29 7.41 3.45
CA SER A 348 4.18 7.02 2.03
C SER A 348 4.98 7.94 1.10
N TYR A 349 5.25 9.17 1.52
CA TYR A 349 6.15 10.03 0.77
C TYR A 349 7.63 9.75 1.10
N VAL A 350 8.00 9.82 2.38
CA VAL A 350 9.42 9.75 2.76
C VAL A 350 10.03 8.36 2.63
N GLU A 351 9.20 7.34 2.47
CA GLU A 351 9.71 6.01 2.17
C GLU A 351 10.63 6.06 0.94
N TYR A 352 10.29 6.88 -0.05
CA TYR A 352 11.14 7.04 -1.24
C TYR A 352 12.47 7.71 -0.91
N LEU A 353 12.43 8.70 -0.01
CA LEU A 353 13.64 9.42 0.41
C LEU A 353 14.58 8.50 1.19
N GLY A 354 14.02 7.76 2.15
CA GLY A 354 14.80 6.78 2.93
C GLY A 354 15.42 5.70 2.06
N ALA A 355 14.59 5.10 1.20
CA ALA A 355 15.07 4.09 0.26
C ALA A 355 16.12 4.62 -0.73
N ASP A 356 15.92 5.85 -1.21
CA ASP A 356 16.92 6.50 -2.08
C ASP A 356 18.28 6.61 -1.39
N HIS A 357 18.27 6.83 -0.08
CA HIS A 357 19.51 6.91 0.66
C HIS A 357 20.25 5.57 0.65
N ALA A 358 19.50 4.48 0.84
CA ALA A 358 20.10 3.14 0.82
C ALA A 358 20.51 2.71 -0.58
N GLU A 359 19.76 3.13 -1.60
CA GLU A 359 20.09 2.78 -2.98
C GLU A 359 20.17 4.03 -3.86
N PRO A 360 21.24 4.83 -3.70
CA PRO A 360 21.32 6.15 -4.34
C PRO A 360 21.39 6.16 -5.88
N THR A 361 21.71 5.02 -6.49
CA THR A 361 21.85 4.98 -7.94
C THR A 361 20.54 4.60 -8.63
N TRP A 362 19.50 4.36 -7.85
CA TRP A 362 18.25 3.81 -8.38
C TRP A 362 17.20 4.84 -8.83
N ASN A 363 17.43 6.11 -8.49
CA ASN A 363 16.45 7.17 -8.79
C ASN A 363 15.06 6.87 -8.26
N LEU A 364 15.01 6.28 -7.06
CA LEU A 364 13.76 5.78 -6.50
C LEU A 364 12.69 6.84 -6.27
N LYS A 365 13.13 8.07 -6.01
CA LYS A 365 12.19 9.16 -5.72
C LYS A 365 11.21 9.41 -6.86
N ASP A 366 11.63 9.13 -8.09
CA ASP A 366 10.77 9.28 -9.27
C ASP A 366 9.52 8.41 -9.20
N LEU A 367 9.64 7.26 -8.54
CA LEU A 367 8.60 6.22 -8.58
C LEU A 367 7.31 6.59 -7.86
N ILE A 368 7.35 7.64 -7.04
CA ILE A 368 6.12 8.15 -6.40
C ILE A 368 5.10 8.63 -7.45
N VAL A 369 5.58 9.04 -8.61
CA VAL A 369 4.70 9.57 -9.65
C VAL A 369 3.79 8.46 -10.24
N PRO A 370 4.39 7.40 -10.83
CA PRO A 370 3.51 6.29 -11.22
C PRO A 370 2.89 5.56 -10.03
N GLY A 371 3.66 5.39 -8.96
CA GLY A 371 3.24 4.57 -7.82
C GLY A 371 2.12 5.13 -6.97
N ASP A 372 2.10 6.44 -6.81
CA ASP A 372 1.13 7.07 -5.90
C ASP A 372 0.29 8.17 -6.55
N VAL A 373 0.95 9.10 -7.24
CA VAL A 373 0.28 10.26 -7.84
C VAL A 373 -0.79 9.84 -8.84
N TYR A 374 -0.38 9.19 -9.93
CA TYR A 374 -1.32 8.81 -10.97
C TYR A 374 -2.25 7.68 -10.53
N ARG A 375 -1.75 6.85 -9.62
CA ARG A 375 -2.56 5.82 -9.00
C ARG A 375 -3.76 6.42 -8.26
N VAL A 376 -3.51 7.38 -7.38
CA VAL A 376 -4.62 7.95 -6.60
C VAL A 376 -5.51 8.90 -7.43
N MET A 377 -4.93 9.54 -8.44
CA MET A 377 -5.72 10.40 -9.33
C MET A 377 -6.84 9.64 -10.03
N ALA A 378 -6.62 8.36 -10.28
CA ALA A 378 -7.66 7.48 -10.83
C ALA A 378 -8.94 7.51 -9.99
N VAL A 379 -8.80 7.45 -8.67
CA VAL A 379 -9.98 7.41 -7.79
C VAL A 379 -10.39 8.79 -7.26
N ASP A 380 -9.46 9.75 -7.27
CA ASP A 380 -9.74 11.10 -6.84
C ASP A 380 -10.36 11.95 -7.96
N ALA A 381 -10.37 11.40 -9.19
CA ALA A 381 -11.05 12.02 -10.33
C ALA A 381 -12.47 11.46 -10.49
N LEU A 382 -13.03 10.98 -9.39
CA LEU A 382 -14.39 10.46 -9.36
C LEU A 382 -15.27 11.32 -8.45
N ALA A 383 -16.56 11.39 -8.78
CA ALA A 383 -17.54 12.11 -7.96
C ALA A 383 -17.69 11.47 -6.58
N SER A 384 -17.29 10.20 -6.47
CA SER A 384 -17.45 9.44 -5.24
C SER A 384 -16.23 9.48 -4.31
N SER A 385 -15.29 10.39 -4.61
CA SER A 385 -14.09 10.53 -3.78
C SER A 385 -14.44 11.22 -2.45
N HIS A 386 -13.42 11.58 -1.68
CA HIS A 386 -13.61 12.27 -0.40
C HIS A 386 -12.36 13.07 -0.04
N PRO A 387 -12.53 14.13 0.79
CA PRO A 387 -11.39 14.96 1.20
C PRO A 387 -10.42 14.19 2.10
N LEU A 388 -9.15 14.59 2.09
CA LEU A 388 -8.17 14.00 3.00
C LEU A 388 -8.65 14.11 4.44
N THR A 389 -9.16 15.28 4.81
CA THR A 389 -9.60 15.53 6.17
C THR A 389 -11.04 15.06 6.40
N THR A 390 -11.30 14.59 7.62
CA THR A 390 -12.63 14.21 8.09
C THR A 390 -12.77 14.87 9.46
N PRO A 391 -13.96 15.41 9.78
CA PRO A 391 -14.15 15.92 11.13
C PRO A 391 -13.96 14.83 12.18
N ALA A 392 -13.23 15.14 13.25
CA ALA A 392 -12.92 14.14 14.28
C ALA A 392 -14.19 13.50 14.83
N GLU A 393 -15.23 14.33 14.99
CA GLU A 393 -16.52 13.88 15.52
C GLU A 393 -17.29 12.92 14.59
N GLU A 394 -16.81 12.72 13.37
CA GLU A 394 -17.42 11.76 12.45
C GLU A 394 -16.76 10.39 12.49
N VAL A 395 -15.62 10.31 13.17
CA VAL A 395 -14.84 9.08 13.22
C VAL A 395 -14.85 8.53 14.65
N ASN A 396 -15.72 7.56 14.91
CA ASN A 396 -15.98 7.10 16.27
C ASN A 396 -15.80 5.62 16.50
N THR A 397 -16.44 4.83 15.63
CA THR A 397 -16.48 3.38 15.77
C THR A 397 -15.23 2.75 15.17
N PRO A 398 -14.90 1.51 15.59
CA PRO A 398 -13.75 0.83 15.01
C PRO A 398 -13.89 0.69 13.50
N ALA A 399 -15.11 0.49 13.00
CA ALA A 399 -15.35 0.41 11.55
C ALA A 399 -15.03 1.73 10.84
N GLN A 400 -15.49 2.84 11.42
CA GLN A 400 -15.19 4.17 10.87
C GLN A 400 -13.69 4.49 10.87
N ILE A 401 -13.01 4.04 11.93
CA ILE A 401 -11.56 4.15 12.01
C ILE A 401 -10.88 3.36 10.88
N SER A 402 -11.33 2.12 10.65
CA SER A 402 -10.74 1.28 9.58
C SER A 402 -10.85 1.93 8.20
N GLU A 403 -11.96 2.65 7.97
CA GLU A 403 -12.24 3.34 6.70
C GLU A 403 -11.23 4.43 6.39
N MET A 404 -10.49 4.90 7.42
CA MET A 404 -9.44 5.91 7.22
C MET A 404 -8.27 5.38 6.40
N PHE A 405 -8.10 4.05 6.38
CA PHE A 405 -6.92 3.43 5.78
C PHE A 405 -7.17 3.10 4.32
N ASP A 406 -7.14 4.12 3.46
CA ASP A 406 -7.45 3.90 2.04
C ASP A 406 -6.47 4.60 1.11
N SER A 407 -6.72 4.47 -0.20
CA SER A 407 -5.87 5.03 -1.25
C SER A 407 -5.66 6.54 -1.09
N ILE A 408 -6.74 7.24 -0.75
CA ILE A 408 -6.71 8.69 -0.55
C ILE A 408 -5.74 9.02 0.59
N SER A 409 -5.96 8.42 1.76
CA SER A 409 -5.10 8.68 2.91
C SER A 409 -3.62 8.46 2.62
N TYR A 410 -3.28 7.32 2.04
CA TYR A 410 -1.87 6.98 1.78
C TYR A 410 -1.28 7.74 0.59
N SER A 411 -1.90 7.56 -0.58
CA SER A 411 -1.31 8.03 -1.84
C SER A 411 -1.53 9.51 -2.11
N LYS A 412 -2.76 10.02 -1.87
CA LYS A 412 -2.98 11.46 -2.02
C LYS A 412 -2.27 12.18 -0.87
N GLY A 413 -2.32 11.59 0.32
CA GLY A 413 -1.54 12.10 1.44
C GLY A 413 -0.08 12.30 1.05
N ALA A 414 0.54 11.25 0.51
CA ALA A 414 1.94 11.36 0.02
C ALA A 414 2.08 12.45 -1.05
N SER A 415 1.13 12.50 -1.97
CA SER A 415 1.20 13.43 -3.09
C SER A 415 1.17 14.88 -2.62
N VAL A 416 0.23 15.21 -1.72
CA VAL A 416 0.09 16.61 -1.28
C VAL A 416 1.25 17.01 -0.36
N ILE A 417 1.74 16.06 0.45
CA ILE A 417 2.90 16.36 1.28
C ILE A 417 4.15 16.57 0.42
N ARG A 418 4.31 15.77 -0.62
CA ARG A 418 5.41 15.97 -1.57
C ARG A 418 5.31 17.33 -2.25
N MET A 419 4.10 17.71 -2.66
CA MET A 419 3.86 19.03 -3.27
C MET A 419 4.28 20.14 -2.31
N LEU A 420 3.86 20.00 -1.06
CA LEU A 420 4.17 20.93 0.02
C LEU A 420 5.67 21.09 0.25
N SER A 421 6.38 19.97 0.39
CA SER A 421 7.82 20.04 0.57
C SER A 421 8.47 20.74 -0.62
N ASN A 422 7.97 20.46 -1.82
CA ASN A 422 8.53 21.05 -3.03
C ASN A 422 8.37 22.56 -3.12
N PHE A 423 7.17 23.07 -2.82
CA PHE A 423 6.96 24.53 -2.89
C PHE A 423 7.57 25.31 -1.73
N LEU A 424 7.78 24.65 -0.60
CA LEU A 424 8.53 25.24 0.50
C LEU A 424 10.04 25.16 0.29
N THR A 425 10.47 24.22 -0.54
CA THR A 425 11.85 23.69 -0.61
C THR A 425 12.11 22.71 0.53
N GLU A 426 12.87 21.65 0.23
CA GLU A 426 13.10 20.59 1.21
C GLU A 426 13.79 21.15 2.46
N ASP A 427 14.74 22.06 2.26
CA ASP A 427 15.46 22.65 3.40
C ASP A 427 14.51 23.30 4.39
N LEU A 428 13.56 24.07 3.86
CA LEU A 428 12.57 24.74 4.69
C LEU A 428 11.58 23.78 5.32
N PHE A 429 11.09 22.82 4.53
CA PHE A 429 10.23 21.76 5.05
C PHE A 429 10.87 21.03 6.23
N LYS A 430 12.15 20.67 6.09
CA LYS A 430 12.88 19.95 7.14
C LYS A 430 13.03 20.76 8.42
N GLU A 431 13.22 22.08 8.29
CA GLU A 431 13.32 22.93 9.47
C GLU A 431 12.03 22.89 10.29
N GLY A 432 10.89 23.07 9.62
CA GLY A 432 9.58 23.01 10.28
C GLY A 432 9.29 21.63 10.84
N LEU A 433 9.64 20.61 10.06
CA LEU A 433 9.49 19.22 10.50
C LEU A 433 10.25 18.93 11.81
N ALA A 434 11.50 19.37 11.88
CA ALA A 434 12.32 19.20 13.07
C ALA A 434 11.72 19.95 14.26
N SER A 435 11.31 21.20 14.02
CA SER A 435 10.66 22.01 15.04
C SER A 435 9.41 21.31 15.62
N TYR A 436 8.61 20.73 14.73
CA TYR A 436 7.39 20.00 15.09
C TYR A 436 7.72 18.77 15.95
N LEU A 437 8.68 17.96 15.49
CA LEU A 437 9.04 16.75 16.22
C LEU A 437 9.61 17.09 17.60
N HIS A 438 10.45 18.12 17.67
CA HIS A 438 11.04 18.56 18.95
C HIS A 438 9.98 19.04 19.92
N ALA A 439 9.03 19.84 19.43
CA ALA A 439 7.99 20.43 20.27
C ALA A 439 7.02 19.39 20.82
N PHE A 440 6.72 18.36 20.04
CA PHE A 440 5.66 17.42 20.39
C PHE A 440 6.13 16.00 20.69
N ALA A 441 7.44 15.80 20.88
CA ALA A 441 7.99 14.48 21.18
C ALA A 441 7.25 13.83 22.35
N TYR A 442 6.88 12.56 22.20
CA TYR A 442 6.16 11.80 23.24
C TYR A 442 4.76 12.35 23.54
N GLN A 443 4.23 13.18 22.63
CA GLN A 443 2.89 13.75 22.79
C GLN A 443 2.04 13.51 21.51
N ASN A 444 0.98 14.29 21.35
CA ASN A 444 0.04 14.08 20.22
C ASN A 444 -0.22 15.42 19.51
N THR A 445 -0.67 15.34 18.26
CA THR A 445 -0.82 16.53 17.41
C THR A 445 -2.05 16.42 16.53
N THR A 446 -2.41 17.53 15.88
CA THR A 446 -3.25 17.48 14.69
C THR A 446 -2.43 18.01 13.51
N TYR A 447 -2.96 17.88 12.31
CA TYR A 447 -2.26 18.37 11.13
C TYR A 447 -1.99 19.88 11.23
N LEU A 448 -2.84 20.60 11.97
CA LEU A 448 -2.67 22.05 12.16
C LEU A 448 -1.36 22.41 12.87
N ASP A 449 -0.90 21.50 13.72
CA ASP A 449 0.39 21.67 14.41
C ASP A 449 1.56 21.59 13.46
N LEU A 450 1.50 20.69 12.48
CA LEU A 450 2.54 20.65 11.46
C LEU A 450 2.53 21.92 10.61
N TRP A 451 1.34 22.35 10.19
CA TRP A 451 1.22 23.57 9.38
C TRP A 451 1.81 24.78 10.12
N GLU A 452 1.54 24.86 11.42
CA GLU A 452 2.00 25.97 12.23
C GLU A 452 3.53 26.00 12.34
N HIS A 453 4.15 24.83 12.47
CA HIS A 453 5.60 24.77 12.53
C HIS A 453 6.27 25.02 11.17
N LEU A 454 5.62 24.57 10.12
CA LEU A 454 6.07 24.94 8.77
C LEU A 454 5.92 26.45 8.54
N GLN A 455 4.84 27.04 9.05
CA GLN A 455 4.65 28.50 8.94
C GLN A 455 5.73 29.27 9.70
N LYS A 456 6.09 28.78 10.88
CA LYS A 456 7.17 29.38 11.64
C LYS A 456 8.47 29.40 10.82
N ALA A 457 8.77 28.31 10.12
CA ALA A 457 9.95 28.24 9.26
C ALA A 457 9.89 29.20 8.08
N VAL A 458 8.73 29.28 7.43
CA VAL A 458 8.54 30.26 6.36
C VAL A 458 8.73 31.70 6.89
N ASP A 459 8.14 31.99 8.04
CA ASP A 459 8.18 33.34 8.63
C ASP A 459 9.59 33.74 9.08
N ALA A 460 10.44 32.75 9.34
CA ALA A 460 11.80 33.00 9.78
C ALA A 460 12.79 33.21 8.62
N GLN A 461 12.29 33.25 7.39
CA GLN A 461 13.15 33.49 6.22
C GLN A 461 12.50 34.43 5.18
N THR A 462 13.28 34.81 4.17
CA THR A 462 12.86 35.86 3.23
C THR A 462 12.93 35.43 1.75
N SER A 463 13.43 34.23 1.49
CA SER A 463 13.68 33.77 0.14
C SER A 463 12.42 33.17 -0.51
N ILE A 464 11.76 32.29 0.24
CA ILE A 464 10.54 31.63 -0.22
C ILE A 464 9.34 32.48 0.17
N ARG A 465 8.56 32.88 -0.84
CA ARG A 465 7.39 33.71 -0.62
C ARG A 465 6.13 33.00 -1.12
N LEU A 466 5.09 32.95 -0.29
CA LEU A 466 3.89 32.19 -0.61
C LEU A 466 2.72 33.16 -0.85
N PRO A 467 1.72 32.76 -1.66
CA PRO A 467 0.61 33.68 -1.92
C PRO A 467 -0.37 33.77 -0.75
N ASP A 468 -0.22 32.87 0.22
CA ASP A 468 -1.05 32.88 1.41
C ASP A 468 -0.34 32.09 2.49
N THR A 469 -0.98 31.91 3.65
CA THR A 469 -0.42 31.08 4.72
C THR A 469 -0.36 29.62 4.28
N VAL A 470 0.56 28.86 4.87
CA VAL A 470 0.64 27.43 4.63
C VAL A 470 -0.72 26.76 4.86
N ARG A 471 -1.37 27.12 5.95
CA ARG A 471 -2.68 26.55 6.30
C ARG A 471 -3.73 26.83 5.24
N ALA A 472 -3.77 28.07 4.75
CA ALA A 472 -4.75 28.47 3.74
C ALA A 472 -4.54 27.71 2.44
N ILE A 473 -3.29 27.53 2.06
CA ILE A 473 -2.95 26.82 0.84
C ILE A 473 -3.30 25.35 0.99
N MET A 474 -2.86 24.75 2.10
CA MET A 474 -3.07 23.32 2.31
C MET A 474 -4.55 22.98 2.51
N ASP A 475 -5.32 23.91 3.08
CA ASP A 475 -6.77 23.77 3.20
C ASP A 475 -7.44 23.43 1.85
N ARG A 476 -6.95 24.05 0.77
CA ARG A 476 -7.47 23.76 -0.57
C ARG A 476 -7.24 22.30 -1.00
N TRP A 477 -6.15 21.72 -0.51
CA TRP A 477 -5.77 20.37 -0.90
C TRP A 477 -6.28 19.29 0.07
N THR A 478 -6.77 19.71 1.23
CA THR A 478 -7.15 18.77 2.29
C THR A 478 -8.64 18.82 2.68
N LEU A 479 -9.27 19.99 2.55
CA LEU A 479 -10.67 20.16 2.98
C LEU A 479 -11.70 19.83 1.89
N GLN A 480 -11.26 19.82 0.63
CA GLN A 480 -12.12 19.41 -0.47
C GLN A 480 -11.50 18.24 -1.21
N MET A 481 -12.34 17.41 -1.83
CA MET A 481 -11.85 16.25 -2.56
C MET A 481 -11.32 16.69 -3.93
N GLY A 482 -10.64 15.78 -4.63
CA GLY A 482 -10.34 15.97 -6.04
C GLY A 482 -9.13 16.84 -6.33
N PHE A 483 -8.97 17.21 -7.60
CA PHE A 483 -7.85 18.06 -8.01
C PHE A 483 -8.25 18.73 -9.31
N PRO A 484 -7.55 19.83 -9.68
CA PRO A 484 -7.87 20.55 -10.89
C PRO A 484 -7.15 20.00 -12.13
N VAL A 485 -7.77 20.20 -13.28
CA VAL A 485 -7.03 20.18 -14.53
C VAL A 485 -6.64 21.64 -14.81
N ILE A 486 -5.36 21.86 -15.11
CA ILE A 486 -4.86 23.17 -15.47
C ILE A 486 -4.72 23.24 -16.97
N THR A 487 -5.52 24.11 -17.59
CA THR A 487 -5.53 24.25 -19.05
C THR A 487 -4.87 25.56 -19.45
N VAL A 488 -3.91 25.47 -20.37
CA VAL A 488 -3.17 26.62 -20.85
C VAL A 488 -3.48 26.89 -22.33
N ASP A 489 -3.81 28.14 -22.64
CA ASP A 489 -3.88 28.59 -24.04
C ASP A 489 -2.61 29.39 -24.31
N THR A 490 -1.67 28.76 -25.01
CA THR A 490 -0.33 29.34 -25.19
C THR A 490 -0.29 30.50 -26.20
N LYS A 491 -1.39 30.71 -26.91
CA LYS A 491 -1.49 31.85 -27.81
C LYS A 491 -1.60 33.15 -27.01
N THR A 492 -2.23 33.06 -25.84
CA THR A 492 -2.54 34.22 -25.01
C THR A 492 -1.85 34.17 -23.65
N GLY A 493 -1.48 32.96 -23.22
CA GLY A 493 -0.99 32.74 -21.85
C GLY A 493 -2.12 32.68 -20.84
N ASN A 494 -3.36 32.55 -21.33
CA ASN A 494 -4.51 32.33 -20.47
C ASN A 494 -4.37 30.97 -19.80
N ILE A 495 -4.67 30.94 -18.51
CA ILE A 495 -4.54 29.72 -17.73
C ILE A 495 -5.80 29.54 -16.87
N SER A 496 -6.32 28.32 -16.85
CA SER A 496 -7.56 28.04 -16.14
C SER A 496 -7.47 26.79 -15.29
N GLN A 497 -8.29 26.74 -14.24
CA GLN A 497 -8.43 25.55 -13.41
C GLN A 497 -9.89 25.15 -13.30
N LYS A 498 -10.13 23.85 -13.37
CA LYS A 498 -11.44 23.31 -13.03
C LYS A 498 -11.28 21.92 -12.43
N HIS A 499 -12.24 21.56 -11.57
CA HIS A 499 -12.29 20.27 -10.91
C HIS A 499 -12.28 19.17 -11.98
N PHE A 500 -11.28 18.30 -11.95
CA PHE A 500 -11.15 17.28 -13.00
C PHE A 500 -11.93 16.01 -12.68
N LEU A 501 -12.81 15.61 -13.59
CA LEU A 501 -13.49 14.33 -13.50
C LEU A 501 -13.31 13.56 -14.78
N LEU A 502 -12.97 12.27 -14.65
CA LEU A 502 -12.86 11.39 -15.82
C LEU A 502 -14.17 11.24 -16.57
N ASP A 503 -15.27 11.22 -15.83
CA ASP A 503 -16.58 11.14 -16.46
C ASP A 503 -17.14 12.54 -16.64
N SER A 504 -17.09 13.02 -17.88
CA SER A 504 -17.57 14.36 -18.25
C SER A 504 -19.07 14.54 -17.97
N GLU A 505 -19.78 13.43 -17.74
CA GLU A 505 -21.22 13.46 -17.46
C GLU A 505 -21.54 13.38 -15.97
N SER A 506 -20.53 13.11 -15.15
CA SER A 506 -20.73 12.93 -13.71
C SER A 506 -21.29 14.15 -13.00
N ASN A 507 -22.17 13.91 -12.04
CA ASN A 507 -22.66 14.95 -11.15
C ASN A 507 -21.95 14.89 -9.80
N VAL A 508 -21.24 15.97 -9.47
CA VAL A 508 -20.63 16.13 -8.15
C VAL A 508 -21.70 16.68 -7.23
N THR A 509 -21.93 15.98 -6.12
CA THR A 509 -22.95 16.41 -5.15
C THR A 509 -22.34 16.73 -3.79
N ARG A 510 -21.06 16.38 -3.60
CA ARG A 510 -20.34 16.81 -2.41
C ARG A 510 -19.96 18.28 -2.55
N SER A 511 -20.47 19.13 -1.69
CA SER A 511 -20.17 20.56 -1.75
C SER A 511 -18.78 20.84 -1.18
N SER A 512 -18.15 21.89 -1.71
CA SER A 512 -16.86 22.37 -1.23
C SER A 512 -16.99 23.79 -0.72
N ALA A 513 -16.35 24.06 0.42
CA ALA A 513 -16.26 25.41 0.97
C ALA A 513 -15.56 26.37 -0.01
N PHE A 514 -14.87 25.83 -1.00
CA PHE A 514 -14.08 26.63 -1.94
C PHE A 514 -14.58 26.59 -3.38
N ASP A 515 -15.76 26.00 -3.59
CA ASP A 515 -16.34 25.88 -4.93
C ASP A 515 -15.37 25.18 -5.88
N TYR A 516 -14.60 24.23 -5.35
CA TYR A 516 -13.61 23.48 -6.13
C TYR A 516 -12.65 24.37 -6.92
N LEU A 517 -12.07 25.33 -6.20
CA LEU A 517 -10.95 26.13 -6.69
C LEU A 517 -9.76 25.88 -5.78
N TRP A 518 -8.58 25.74 -6.36
CA TRP A 518 -7.36 25.50 -5.60
C TRP A 518 -6.36 26.65 -5.69
N ILE A 519 -5.42 26.69 -4.75
CA ILE A 519 -4.24 27.56 -4.85
C ILE A 519 -3.09 26.64 -5.30
N VAL A 520 -2.63 26.85 -6.52
CA VAL A 520 -1.85 25.85 -7.24
C VAL A 520 -0.41 26.30 -7.52
N PRO A 521 0.58 25.56 -7.00
CA PRO A 521 1.96 25.88 -7.34
C PRO A 521 2.29 25.35 -8.72
N ILE A 522 2.74 26.23 -9.60
CA ILE A 522 2.96 25.88 -11.00
C ILE A 522 4.38 26.19 -11.46
N SER A 523 5.18 25.14 -11.58
CA SER A 523 6.48 25.23 -12.23
C SER A 523 6.28 25.06 -13.73
N SER A 524 7.23 25.54 -14.52
CA SER A 524 7.17 25.37 -15.96
C SER A 524 8.54 25.38 -16.62
N ILE A 525 8.60 24.73 -17.77
CA ILE A 525 9.81 24.69 -18.59
C ILE A 525 9.42 25.23 -19.96
N LYS A 526 10.23 26.13 -20.52
CA LYS A 526 10.01 26.66 -21.86
C LYS A 526 11.22 26.37 -22.72
N ASN A 527 11.00 25.64 -23.83
CA ASN A 527 12.09 25.21 -24.71
C ASN A 527 13.24 24.51 -23.97
N GLY A 528 12.91 23.78 -22.91
CA GLY A 528 13.91 23.05 -22.14
C GLY A 528 14.55 23.84 -21.01
N VAL A 529 14.16 25.10 -20.87
CA VAL A 529 14.72 25.98 -19.85
C VAL A 529 13.70 26.28 -18.75
N MET A 530 14.11 26.09 -17.50
CA MET A 530 13.26 26.37 -16.34
C MET A 530 12.81 27.83 -16.31
N GLN A 531 11.53 28.05 -16.05
CA GLN A 531 11.00 29.40 -15.92
C GLN A 531 10.84 29.75 -14.45
N ASP A 532 10.54 31.02 -14.17
CA ASP A 532 10.14 31.44 -12.84
C ASP A 532 8.91 30.67 -12.39
N HIS A 533 8.88 30.33 -11.11
CA HIS A 533 7.73 29.65 -10.50
C HIS A 533 6.53 30.60 -10.45
N TYR A 534 5.33 30.01 -10.53
CA TYR A 534 4.08 30.75 -10.59
C TYR A 534 3.04 30.13 -9.67
N TRP A 535 2.22 30.97 -9.04
CA TRP A 535 1.07 30.50 -8.25
C TRP A 535 -0.26 30.92 -8.87
N LEU A 536 -1.08 29.94 -9.27
CA LEU A 536 -2.46 30.21 -9.63
C LEU A 536 -3.27 30.39 -8.35
N ARG A 537 -3.84 31.59 -8.18
CA ARG A 537 -4.64 31.89 -7.00
C ARG A 537 -6.03 31.26 -7.08
N ASP A 538 -6.88 31.51 -6.09
CA ASP A 538 -8.20 30.89 -6.07
C ASP A 538 -9.18 31.60 -7.01
N VAL A 539 -8.85 31.52 -8.30
CA VAL A 539 -9.71 32.06 -9.37
C VAL A 539 -9.79 31.06 -10.51
N SER A 540 -10.89 31.10 -11.26
CA SER A 540 -11.13 30.19 -12.38
C SER A 540 -10.15 30.41 -13.52
N GLN A 541 -9.83 31.68 -13.78
CA GLN A 541 -9.03 32.05 -14.94
C GLN A 541 -8.07 33.17 -14.58
N ALA A 542 -6.86 33.06 -15.11
CA ALA A 542 -5.85 34.10 -14.98
C ALA A 542 -5.04 34.17 -16.27
N GLN A 543 -4.05 35.05 -16.30
CA GLN A 543 -3.19 35.17 -17.48
C GLN A 543 -1.78 35.54 -17.01
N ASN A 544 -0.80 34.91 -17.64
CA ASN A 544 0.60 35.27 -17.41
C ASN A 544 1.44 34.95 -18.62
N ASP A 545 2.40 35.83 -18.91
CA ASP A 545 3.28 35.71 -20.06
C ASP A 545 4.18 34.47 -20.03
N LEU A 546 4.41 33.96 -18.82
CA LEU A 546 5.12 32.69 -18.64
C LEU A 546 4.54 31.58 -19.50
N PHE A 547 3.23 31.63 -19.73
CA PHE A 547 2.52 30.56 -20.43
C PHE A 547 2.14 30.93 -21.86
N LYS A 548 2.62 32.09 -22.31
CA LYS A 548 2.42 32.54 -23.69
C LYS A 548 3.66 32.18 -24.51
N THR A 549 3.43 31.69 -25.73
CA THR A 549 4.52 31.21 -26.58
C THR A 549 4.56 31.88 -27.96
N ALA A 550 5.73 31.81 -28.61
CA ALA A 550 5.86 32.09 -30.03
C ALA A 550 5.48 30.83 -30.80
N SER A 551 5.46 30.92 -32.13
CA SER A 551 5.00 29.83 -32.99
C SER A 551 5.87 28.57 -32.94
N ASP A 552 7.17 28.77 -32.77
CA ASP A 552 8.13 27.65 -32.78
C ASP A 552 8.56 27.23 -31.37
N ASP A 553 8.06 27.93 -30.35
CA ASP A 553 8.41 27.62 -28.97
C ASP A 553 7.36 26.72 -28.30
N TRP A 554 7.74 26.12 -27.18
CA TRP A 554 6.78 25.34 -26.41
C TRP A 554 6.94 25.58 -24.92
N VAL A 555 5.85 25.42 -24.19
CA VAL A 555 5.86 25.49 -22.74
C VAL A 555 5.27 24.20 -22.16
N LEU A 556 5.77 23.80 -20.99
CA LEU A 556 5.27 22.60 -20.33
C LEU A 556 5.22 22.85 -18.83
N LEU A 557 4.09 22.52 -18.21
CA LEU A 557 3.83 22.84 -16.81
C LEU A 557 4.01 21.64 -15.88
N ASN A 558 4.21 21.94 -14.60
CA ASN A 558 4.29 20.94 -13.54
C ASN A 558 5.50 20.02 -13.72
N VAL A 559 6.69 20.60 -13.55
CA VAL A 559 7.94 19.90 -13.75
C VAL A 559 8.04 18.76 -12.75
N ASN A 560 8.33 17.57 -13.27
CA ASN A 560 8.42 16.35 -12.47
C ASN A 560 7.12 15.98 -11.74
N VAL A 561 6.01 16.56 -12.19
CA VAL A 561 4.69 16.36 -11.57
C VAL A 561 4.79 16.46 -10.03
N THR A 562 5.42 17.52 -9.54
CA THR A 562 5.47 17.75 -8.10
C THR A 562 4.10 18.24 -7.60
N GLY A 563 3.35 18.90 -8.50
CA GLY A 563 2.02 19.41 -8.17
C GLY A 563 0.93 18.38 -8.39
N TYR A 564 -0.04 18.34 -7.49
CA TYR A 564 -1.14 17.38 -7.57
C TYR A 564 -2.23 17.88 -8.52
N PHE A 565 -1.90 17.88 -9.81
CA PHE A 565 -2.86 18.27 -10.85
C PHE A 565 -2.41 17.73 -12.19
N GLN A 566 -3.32 17.79 -13.18
CA GLN A 566 -2.99 17.41 -14.54
C GLN A 566 -3.11 18.62 -15.46
N VAL A 567 -2.42 18.58 -16.60
CA VAL A 567 -2.30 19.75 -17.48
C VAL A 567 -2.81 19.47 -18.89
N ASN A 568 -3.59 20.40 -19.42
CA ASN A 568 -3.99 20.38 -20.82
C ASN A 568 -3.49 21.64 -21.52
N TYR A 569 -3.20 21.52 -22.82
CA TYR A 569 -2.75 22.65 -23.63
C TYR A 569 -3.65 22.77 -24.86
N ASP A 570 -3.53 23.90 -25.56
CA ASP A 570 -4.07 24.03 -26.92
C ASP A 570 -3.34 23.03 -27.82
N GLU A 571 -3.99 22.63 -28.92
CA GLU A 571 -3.44 21.62 -29.83
C GLU A 571 -2.07 21.98 -30.40
N ASP A 572 -1.87 23.27 -30.71
CA ASP A 572 -0.59 23.75 -31.26
C ASP A 572 0.57 23.44 -30.32
N ASN A 573 0.41 23.78 -29.04
CA ASN A 573 1.44 23.49 -28.05
C ASN A 573 1.72 21.98 -27.91
N TRP A 574 0.65 21.17 -27.89
CA TRP A 574 0.78 19.71 -27.88
C TRP A 574 1.66 19.20 -29.03
N ARG A 575 1.44 19.74 -30.24
CA ARG A 575 2.24 19.35 -31.41
C ARG A 575 3.71 19.73 -31.25
N MET A 576 3.97 20.94 -30.72
CA MET A 576 5.34 21.38 -30.46
C MET A 576 6.02 20.48 -29.43
N ILE A 577 5.28 20.06 -28.41
CA ILE A 577 5.78 19.09 -27.45
C ILE A 577 6.13 17.77 -28.16
N GLN A 578 5.16 17.27 -28.93
CA GLN A 578 5.34 16.04 -29.71
C GLN A 578 6.55 16.11 -30.65
N HIS A 579 6.70 17.25 -31.33
CA HIS A 579 7.84 17.50 -32.22
C HIS A 579 9.17 17.43 -31.46
N GLN A 580 9.22 18.08 -30.29
CA GLN A 580 10.42 18.08 -29.45
C GLN A 580 10.81 16.65 -29.06
N LEU A 581 9.84 15.88 -28.60
CA LEU A 581 10.06 14.50 -28.18
C LEU A 581 10.51 13.60 -29.34
N GLN A 582 10.00 13.90 -30.54
CA GLN A 582 10.39 13.19 -31.77
C GLN A 582 11.85 13.43 -32.18
N THR A 583 12.34 14.66 -31.96
CA THR A 583 13.64 15.07 -32.51
C THR A 583 14.76 15.08 -31.47
N ASN A 584 14.43 15.54 -30.25
CA ASN A 584 15.35 15.46 -29.11
C ASN A 584 14.58 15.39 -27.80
N LEU A 585 14.33 14.17 -27.34
CA LEU A 585 13.56 13.92 -26.11
C LEU A 585 14.28 14.35 -24.84
N SER A 586 15.60 14.43 -24.89
CA SER A 586 16.45 14.78 -23.73
C SER A 586 16.12 16.14 -23.13
N VAL A 587 15.51 17.01 -23.94
CA VAL A 587 15.16 18.37 -23.53
C VAL A 587 14.07 18.39 -22.45
N ILE A 588 13.23 17.36 -22.41
CA ILE A 588 12.14 17.24 -21.45
C ILE A 588 12.46 16.18 -20.41
N PRO A 589 12.38 16.53 -19.11
CA PRO A 589 12.72 15.58 -18.05
C PRO A 589 11.93 14.29 -18.19
N VAL A 590 12.56 13.16 -17.89
CA VAL A 590 11.94 11.85 -18.08
C VAL A 590 10.54 11.73 -17.44
N ILE A 591 10.39 12.26 -16.23
CA ILE A 591 9.08 12.23 -15.57
C ILE A 591 8.02 12.95 -16.40
N ASN A 592 8.39 14.07 -17.03
CA ASN A 592 7.45 14.82 -17.84
C ASN A 592 7.13 14.18 -19.19
N ARG A 593 8.08 13.40 -19.71
CA ARG A 593 7.83 12.58 -20.90
C ARG A 593 6.74 11.55 -20.60
N ALA A 594 6.72 11.06 -19.35
CA ALA A 594 5.67 10.17 -18.88
C ALA A 594 4.36 10.91 -18.65
N GLN A 595 4.45 12.09 -18.04
CA GLN A 595 3.29 12.93 -17.71
C GLN A 595 2.43 13.26 -18.94
N VAL A 596 3.10 13.60 -20.04
CA VAL A 596 2.44 13.93 -21.31
C VAL A 596 1.52 12.78 -21.73
N ILE A 597 2.00 11.56 -21.58
CA ILE A 597 1.21 10.36 -21.85
C ILE A 597 0.09 10.16 -20.81
N TYR A 598 0.45 10.14 -19.52
CA TYR A 598 -0.55 9.96 -18.46
C TYR A 598 -1.72 10.94 -18.55
N ASP A 599 -1.40 12.23 -18.60
CA ASP A 599 -2.40 13.29 -18.62
C ASP A 599 -3.30 13.23 -19.86
N SER A 600 -2.69 13.09 -21.04
CA SER A 600 -3.47 13.14 -22.29
C SER A 600 -4.50 12.00 -22.41
N PHE A 601 -4.14 10.81 -21.95
CA PHE A 601 -5.10 9.70 -21.93
C PHE A 601 -6.25 9.95 -20.95
N ASN A 602 -5.94 10.50 -19.78
CA ASN A 602 -6.97 10.94 -18.83
C ASN A 602 -7.86 12.03 -19.43
N LEU A 603 -7.24 13.01 -20.07
CA LEU A 603 -7.96 14.10 -20.73
C LEU A 603 -8.88 13.58 -21.84
N ALA A 604 -8.39 12.58 -22.58
CA ALA A 604 -9.19 11.94 -23.63
C ALA A 604 -10.42 11.24 -23.03
N THR A 605 -10.20 10.45 -21.96
CA THR A 605 -11.28 9.85 -21.20
C THR A 605 -12.34 10.89 -20.79
N ALA A 606 -11.87 12.08 -20.41
CA ALA A 606 -12.75 13.15 -19.95
C ALA A 606 -13.33 13.97 -21.10
N HIS A 607 -13.01 13.58 -22.34
CA HIS A 607 -13.45 14.27 -23.55
C HIS A 607 -12.90 15.71 -23.65
N MET A 608 -11.68 15.90 -23.15
CA MET A 608 -11.04 17.22 -23.17
C MET A 608 -10.00 17.34 -24.28
N VAL A 609 -9.56 16.19 -24.79
CA VAL A 609 -8.79 16.10 -26.02
C VAL A 609 -9.31 14.90 -26.80
N PRO A 610 -9.14 14.87 -28.14
CA PRO A 610 -9.53 13.64 -28.84
C PRO A 610 -8.56 12.50 -28.52
N VAL A 611 -9.07 11.27 -28.57
CA VAL A 611 -8.26 10.09 -28.23
C VAL A 611 -7.02 9.99 -29.11
N THR A 612 -7.11 10.52 -30.34
CA THR A 612 -6.00 10.54 -31.28
C THR A 612 -4.82 11.39 -30.81
N LEU A 613 -5.10 12.47 -30.09
CA LEU A 613 -4.04 13.32 -29.51
C LEU A 613 -3.25 12.55 -28.45
N ALA A 614 -3.96 11.76 -27.65
CA ALA A 614 -3.32 10.90 -26.64
C ALA A 614 -2.45 9.84 -27.29
N LEU A 615 -2.95 9.21 -28.36
CA LEU A 615 -2.19 8.20 -29.09
C LEU A 615 -0.99 8.82 -29.81
N ASP A 616 -1.18 10.01 -30.37
CA ASP A 616 -0.09 10.78 -30.97
C ASP A 616 1.05 10.99 -29.97
N ASN A 617 0.69 11.11 -28.69
CA ASN A 617 1.67 11.30 -27.62
C ASN A 617 2.54 10.08 -27.34
N THR A 618 2.21 8.94 -27.94
CA THR A 618 3.00 7.72 -27.80
C THR A 618 4.00 7.54 -28.96
N LEU A 619 3.88 8.38 -29.98
CA LEU A 619 4.68 8.24 -31.21
C LEU A 619 6.20 8.34 -30.98
N PHE A 620 6.60 9.16 -30.01
CA PHE A 620 8.03 9.36 -29.73
C PHE A 620 8.72 8.12 -29.13
N LEU A 621 7.94 7.16 -28.66
CA LEU A 621 8.46 6.04 -27.87
C LEU A 621 9.45 5.11 -28.59
N ASN A 622 9.50 5.19 -29.91
CA ASN A 622 10.46 4.39 -30.68
C ASN A 622 11.92 4.79 -30.41
N GLY A 623 12.12 6.00 -29.90
CA GLY A 623 13.44 6.47 -29.49
C GLY A 623 13.64 6.54 -28.00
N GLU A 624 12.62 6.12 -27.23
CA GLU A 624 12.65 6.18 -25.77
C GLU A 624 13.28 4.93 -25.16
N LYS A 625 14.34 5.14 -24.39
CA LYS A 625 15.04 4.04 -23.71
C LYS A 625 14.64 3.91 -22.24
N GLU A 626 14.04 4.97 -21.70
CA GLU A 626 13.83 5.03 -20.25
C GLU A 626 12.51 4.42 -19.80
N TYR A 627 12.47 4.00 -18.55
CA TYR A 627 11.35 3.23 -18.00
C TYR A 627 10.02 3.98 -18.00
N MET A 628 9.98 5.14 -17.36
CA MET A 628 8.68 5.73 -17.00
C MET A 628 7.73 6.04 -18.14
N PRO A 629 8.23 6.66 -19.24
CA PRO A 629 7.33 7.00 -20.35
C PRO A 629 6.75 5.75 -21.01
N TRP A 630 7.56 4.70 -21.11
CA TRP A 630 7.06 3.42 -21.61
C TRP A 630 6.01 2.85 -20.67
N GLN A 631 6.25 2.98 -19.35
CA GLN A 631 5.27 2.54 -18.35
C GLN A 631 3.96 3.31 -18.48
N ALA A 632 4.06 4.62 -18.68
CA ALA A 632 2.88 5.47 -18.85
C ALA A 632 2.01 4.97 -20.01
N ALA A 633 2.67 4.66 -21.14
CA ALA A 633 1.98 4.17 -22.33
C ALA A 633 1.32 2.82 -22.09
N LEU A 634 2.06 1.88 -21.51
CA LEU A 634 1.53 0.54 -21.23
C LEU A 634 0.36 0.58 -20.25
N SER A 635 0.48 1.37 -19.18
CA SER A 635 -0.62 1.56 -18.22
C SER A 635 -1.86 2.11 -18.90
N SER A 636 -1.66 3.12 -19.76
CA SER A 636 -2.76 3.80 -20.45
C SER A 636 -3.40 2.94 -21.54
N LEU A 637 -2.63 2.03 -22.12
CA LEU A 637 -3.12 1.19 -23.22
C LEU A 637 -3.66 -0.18 -22.80
N SER A 638 -3.48 -0.57 -21.53
CA SER A 638 -3.97 -1.88 -21.09
C SER A 638 -5.48 -1.98 -21.25
N TYR A 639 -6.20 -0.88 -21.03
CA TYR A 639 -7.64 -0.83 -21.29
C TYR A 639 -7.98 -1.00 -22.77
N PHE A 640 -7.15 -0.43 -23.64
CA PHE A 640 -7.32 -0.56 -25.09
C PHE A 640 -7.16 -2.02 -25.50
N SER A 641 -6.12 -2.67 -24.99
CA SER A 641 -5.91 -4.10 -25.20
C SER A 641 -7.12 -4.88 -24.70
N LEU A 642 -7.56 -4.57 -23.49
CA LEU A 642 -8.69 -5.24 -22.86
C LEU A 642 -10.00 -5.12 -23.66
N MET A 643 -10.24 -3.95 -24.25
CA MET A 643 -11.46 -3.74 -25.03
C MET A 643 -11.35 -4.32 -26.44
N PHE A 644 -10.15 -4.36 -27.00
CA PHE A 644 -9.96 -4.60 -28.42
C PHE A 644 -9.27 -5.89 -28.84
N ASP A 645 -8.71 -6.63 -27.88
CA ASP A 645 -7.86 -7.79 -28.23
C ASP A 645 -8.62 -8.99 -28.82
N ARG A 646 -9.94 -8.83 -29.02
CA ARG A 646 -10.75 -9.83 -29.70
C ARG A 646 -11.39 -9.25 -30.97
N SER A 647 -10.88 -8.10 -31.41
CA SER A 647 -11.49 -7.35 -32.50
C SER A 647 -10.52 -7.05 -33.63
N GLU A 648 -11.06 -6.53 -34.73
CA GLU A 648 -10.28 -6.07 -35.88
C GLU A 648 -9.25 -5.00 -35.53
N VAL A 649 -9.48 -4.29 -34.42
CA VAL A 649 -8.56 -3.27 -33.93
C VAL A 649 -7.22 -3.86 -33.50
N TYR A 650 -7.22 -5.14 -33.10
CA TYR A 650 -6.05 -5.73 -32.46
C TYR A 650 -4.83 -5.91 -33.36
N GLY A 651 -5.05 -6.33 -34.60
CA GLY A 651 -3.95 -6.50 -35.55
C GLY A 651 -3.08 -5.26 -35.70
N PRO A 652 -3.70 -4.11 -36.07
CA PRO A 652 -2.98 -2.84 -36.18
C PRO A 652 -2.36 -2.38 -34.86
N MET A 653 -3.03 -2.67 -33.75
CA MET A 653 -2.49 -2.31 -32.43
C MET A 653 -1.21 -3.08 -32.13
N LYS A 654 -1.25 -4.40 -32.30
CA LYS A 654 -0.08 -5.26 -32.15
C LYS A 654 1.07 -4.77 -33.03
N LYS A 655 0.76 -4.51 -34.30
CA LYS A 655 1.77 -4.08 -35.26
C LYS A 655 2.40 -2.75 -34.86
N TYR A 656 1.57 -1.79 -34.45
CA TYR A 656 2.07 -0.50 -33.99
C TYR A 656 3.02 -0.62 -32.80
N LEU A 657 2.65 -1.45 -31.82
CA LEU A 657 3.47 -1.64 -30.62
C LEU A 657 4.77 -2.39 -30.92
N ARG A 658 4.71 -3.34 -31.86
CA ARG A 658 5.92 -4.00 -32.39
C ARG A 658 6.89 -2.98 -33.01
N LYS A 659 6.34 -2.07 -33.81
CA LYS A 659 7.13 -1.01 -34.44
C LYS A 659 7.82 -0.14 -33.40
N GLN A 660 7.09 0.20 -32.34
CA GLN A 660 7.58 1.09 -31.30
C GLN A 660 8.63 0.47 -30.39
N VAL A 661 8.43 -0.80 -30.02
CA VAL A 661 9.28 -1.45 -29.05
C VAL A 661 10.48 -2.19 -29.68
N GLU A 662 10.43 -2.44 -30.98
CA GLU A 662 11.53 -3.15 -31.65
C GLU A 662 12.91 -2.52 -31.44
N PRO A 663 13.03 -1.18 -31.63
CA PRO A 663 14.33 -0.53 -31.37
C PRO A 663 14.80 -0.66 -29.91
N LEU A 664 13.88 -0.59 -28.95
CA LEU A 664 14.24 -0.76 -27.55
C LEU A 664 14.73 -2.17 -27.26
N PHE A 665 14.04 -3.16 -27.81
CA PHE A 665 14.48 -4.56 -27.74
C PHE A 665 15.90 -4.68 -28.31
N GLN A 666 16.11 -4.11 -29.49
CA GLN A 666 17.42 -4.10 -30.15
C GLN A 666 18.48 -3.44 -29.27
N HIS A 667 18.13 -2.30 -28.68
CA HIS A 667 19.03 -1.57 -27.79
C HIS A 667 19.51 -2.47 -26.66
N PHE A 668 18.58 -3.08 -25.93
CA PHE A 668 18.93 -3.96 -24.82
C PHE A 668 19.63 -5.23 -25.26
N GLU A 669 19.32 -5.71 -26.47
CA GLU A 669 19.97 -6.89 -27.05
C GLU A 669 21.48 -6.70 -27.10
N THR A 670 21.90 -5.51 -27.51
CA THR A 670 23.31 -5.14 -27.57
C THR A 670 23.83 -4.80 -26.16
N LEU A 671 23.14 -3.88 -25.47
CA LEU A 671 23.53 -3.44 -24.13
C LEU A 671 23.82 -4.60 -23.18
N THR A 672 22.96 -5.60 -23.20
CA THR A 672 23.04 -6.72 -22.26
C THR A 672 23.99 -7.84 -22.70
N LYS A 673 24.72 -7.59 -23.79
CA LYS A 673 25.64 -8.57 -24.38
C LYS A 673 24.93 -9.88 -24.68
N ASN A 674 23.94 -9.81 -25.58
CA ASN A 674 23.09 -10.96 -25.91
C ASN A 674 22.36 -11.49 -24.66
N TRP A 675 21.86 -10.55 -23.86
CA TRP A 675 21.01 -10.87 -22.69
C TRP A 675 21.73 -11.53 -21.50
N THR A 676 23.05 -11.65 -21.59
CA THR A 676 23.83 -12.34 -20.55
C THR A 676 24.02 -11.56 -19.25
N GLU A 677 23.92 -10.22 -19.31
CA GLU A 677 24.07 -9.40 -18.11
C GLU A 677 23.11 -8.22 -18.07
N ARG A 678 22.43 -8.07 -16.94
CA ARG A 678 21.40 -7.04 -16.77
C ARG A 678 21.98 -5.63 -16.83
N PRO A 679 21.13 -4.65 -17.17
CA PRO A 679 21.50 -3.24 -16.98
C PRO A 679 21.82 -2.97 -15.51
N GLU A 680 22.59 -1.92 -15.25
CA GLU A 680 23.11 -1.69 -13.90
C GLU A 680 22.06 -1.14 -12.93
N ASN A 681 21.48 0.01 -13.25
CA ASN A 681 20.52 0.66 -12.34
C ASN A 681 19.09 0.15 -12.47
N LEU A 682 18.27 0.45 -11.46
CA LEU A 682 16.90 -0.07 -11.34
C LEU A 682 15.99 0.31 -12.51
N MET A 683 16.02 1.59 -12.89
CA MET A 683 15.17 2.10 -13.97
C MET A 683 15.44 1.40 -15.29
N ASP A 684 16.72 1.15 -15.57
CA ASP A 684 17.12 0.48 -16.82
C ASP A 684 16.74 -1.00 -16.82
N GLN A 685 16.81 -1.63 -15.66
CA GLN A 685 16.30 -2.99 -15.49
C GLN A 685 14.79 -3.05 -15.70
N TYR A 686 14.06 -2.11 -15.10
CA TYR A 686 12.61 -2.02 -15.29
C TYR A 686 12.26 -1.82 -16.76
N SER A 687 13.01 -0.95 -17.44
CA SER A 687 12.78 -0.69 -18.85
C SER A 687 13.02 -1.95 -19.70
N GLU A 688 14.07 -2.70 -19.39
CA GLU A 688 14.33 -3.98 -20.05
C GLU A 688 13.22 -5.01 -19.79
N ILE A 689 12.74 -5.07 -18.55
CA ILE A 689 11.62 -5.94 -18.20
C ILE A 689 10.40 -5.62 -19.07
N ASN A 690 10.02 -4.34 -19.12
CA ASN A 690 8.87 -3.90 -19.91
C ASN A 690 9.08 -4.06 -21.41
N ALA A 691 10.32 -3.87 -21.86
CA ALA A 691 10.67 -3.99 -23.28
C ALA A 691 10.49 -5.41 -23.78
N ILE A 692 10.98 -6.37 -23.00
CA ILE A 692 10.85 -7.79 -23.32
C ILE A 692 9.39 -8.24 -23.18
N SER A 693 8.70 -7.74 -22.15
CA SER A 693 7.28 -8.01 -21.99
C SER A 693 6.46 -7.52 -23.20
N THR A 694 6.68 -6.28 -23.59
CA THR A 694 5.94 -5.66 -24.69
C THR A 694 6.26 -6.33 -26.03
N ALA A 695 7.54 -6.63 -26.26
CA ALA A 695 7.96 -7.25 -27.51
C ALA A 695 7.34 -8.63 -27.68
N CYS A 696 7.46 -9.48 -26.65
CA CYS A 696 6.94 -10.84 -26.71
C CYS A 696 5.41 -10.91 -26.79
N SER A 697 4.73 -10.11 -25.97
CA SER A 697 3.27 -10.13 -25.95
C SER A 697 2.65 -9.58 -27.24
N ASN A 698 3.42 -8.77 -27.97
CA ASN A 698 2.98 -8.21 -29.24
C ASN A 698 3.53 -8.94 -30.47
N GLY A 699 4.22 -10.06 -30.22
CA GLY A 699 4.64 -10.97 -31.28
C GLY A 699 5.86 -10.55 -32.08
N LEU A 700 6.87 -9.99 -31.42
CA LEU A 700 8.14 -9.70 -32.07
C LEU A 700 8.94 -11.00 -32.19
N PRO A 701 9.15 -11.50 -33.42
CA PRO A 701 9.81 -12.80 -33.62
C PRO A 701 11.10 -12.96 -32.80
N GLN A 702 11.90 -11.91 -32.70
CA GLN A 702 13.17 -11.94 -31.96
C GLN A 702 12.99 -12.23 -30.47
N CYS A 703 11.93 -11.68 -29.88
CA CYS A 703 11.60 -11.96 -28.48
C CYS A 703 11.07 -13.37 -28.31
N GLU A 704 10.20 -13.78 -29.24
CA GLU A 704 9.66 -15.14 -29.27
C GLU A 704 10.79 -16.17 -29.40
N ASN A 705 11.80 -15.84 -30.21
CA ASN A 705 12.98 -16.66 -30.37
C ASN A 705 13.79 -16.77 -29.07
N LEU A 706 13.99 -15.63 -28.40
CA LEU A 706 14.71 -15.59 -27.13
C LEU A 706 14.01 -16.43 -26.06
N ALA A 707 12.70 -16.29 -25.95
CA ALA A 707 11.90 -17.03 -24.96
C ALA A 707 11.94 -18.54 -25.18
N LYS A 708 11.80 -18.97 -26.43
CA LYS A 708 11.85 -20.39 -26.77
C LYS A 708 13.20 -21.01 -26.42
N THR A 709 14.28 -20.33 -26.81
CA THR A 709 15.65 -20.81 -26.58
C THR A 709 15.97 -21.01 -25.09
N LEU A 710 15.65 -20.01 -24.27
CA LEU A 710 15.93 -20.06 -22.84
C LEU A 710 15.11 -21.15 -22.12
N PHE A 711 13.83 -21.24 -22.45
CA PHE A 711 12.96 -22.26 -21.85
C PHE A 711 13.34 -23.66 -22.30
N ASP A 712 13.81 -23.78 -23.55
CA ASP A 712 14.37 -25.04 -24.04
C ASP A 712 15.62 -25.42 -23.25
N GLN A 713 16.50 -24.45 -23.03
CA GLN A 713 17.69 -24.64 -22.22
C GLN A 713 17.34 -25.11 -20.81
N TRP A 714 16.31 -24.50 -20.23
CA TRP A 714 15.85 -24.86 -18.89
C TRP A 714 15.33 -26.29 -18.84
N MET A 715 14.53 -26.67 -19.83
CA MET A 715 13.98 -28.02 -19.91
C MET A 715 15.06 -29.07 -20.11
N SER A 716 16.16 -28.68 -20.74
CA SER A 716 17.31 -29.57 -20.95
C SER A 716 18.12 -29.76 -19.66
N ASP A 717 17.99 -28.83 -18.72
CA ASP A 717 18.69 -28.90 -17.43
C ASP A 717 17.90 -28.19 -16.32
N PRO A 718 16.87 -28.87 -15.78
CA PRO A 718 15.89 -28.30 -14.85
C PRO A 718 16.50 -27.66 -13.59
N GLU A 719 17.61 -28.21 -13.11
CA GLU A 719 18.23 -27.75 -11.87
C GLU A 719 19.01 -26.44 -12.01
N ASN A 720 19.41 -26.11 -13.24
CA ASN A 720 20.10 -24.86 -13.54
C ASN A 720 19.26 -23.94 -14.43
N ASN A 721 18.40 -23.13 -13.79
CA ASN A 721 17.53 -22.21 -14.51
C ASN A 721 18.33 -21.07 -15.14
N PRO A 722 18.33 -21.00 -16.49
CA PRO A 722 19.14 -19.99 -17.18
C PRO A 722 18.47 -18.63 -17.31
N ILE A 723 17.23 -18.52 -16.84
CA ILE A 723 16.46 -17.29 -17.02
C ILE A 723 16.56 -16.39 -15.79
N HIS A 724 17.12 -15.20 -15.97
CA HIS A 724 17.26 -14.23 -14.88
C HIS A 724 15.88 -13.92 -14.30
N PRO A 725 15.77 -13.90 -12.94
CA PRO A 725 14.51 -13.64 -12.27
C PRO A 725 13.72 -12.44 -12.81
N ASN A 726 14.41 -11.41 -13.29
CA ASN A 726 13.75 -10.22 -13.86
C ASN A 726 12.87 -10.55 -15.05
N LEU A 727 13.27 -11.57 -15.81
CA LEU A 727 12.65 -11.88 -17.10
C LEU A 727 11.74 -13.10 -17.05
N ARG A 728 11.70 -13.76 -15.90
CA ARG A 728 10.99 -15.03 -15.77
C ARG A 728 9.52 -14.97 -16.18
N SER A 729 8.78 -13.98 -15.69
CA SER A 729 7.34 -13.88 -15.99
C SER A 729 7.04 -13.86 -17.51
N THR A 730 7.78 -13.05 -18.26
CA THR A 730 7.63 -12.98 -19.72
C THR A 730 8.13 -14.24 -20.42
N ILE A 731 9.36 -14.66 -20.09
CA ILE A 731 9.99 -15.80 -20.75
C ILE A 731 9.17 -17.08 -20.57
N TYR A 732 8.72 -17.31 -19.33
CA TYR A 732 7.86 -18.44 -19.00
C TYR A 732 6.56 -18.41 -19.80
N CYS A 733 5.87 -17.27 -19.76
CA CYS A 733 4.57 -17.10 -20.40
C CYS A 733 4.64 -17.31 -21.91
N ASN A 734 5.53 -16.59 -22.57
CA ASN A 734 5.68 -16.68 -24.02
C ASN A 734 6.12 -18.05 -24.52
N ALA A 735 6.95 -18.73 -23.72
CA ALA A 735 7.41 -20.08 -24.06
C ALA A 735 6.30 -21.11 -23.96
N ILE A 736 5.48 -21.00 -22.91
CA ILE A 736 4.32 -21.88 -22.74
C ILE A 736 3.28 -21.60 -23.83
N ALA A 737 3.16 -20.34 -24.23
CA ALA A 737 2.26 -19.94 -25.31
C ALA A 737 2.67 -20.54 -26.65
N GLN A 738 3.98 -20.59 -26.91
CA GLN A 738 4.53 -21.17 -28.13
C GLN A 738 4.44 -22.69 -28.14
N GLY A 739 4.61 -23.30 -26.98
CA GLY A 739 4.68 -24.76 -26.87
C GLY A 739 3.35 -25.43 -26.61
N GLY A 740 3.40 -26.71 -26.27
CA GLY A 740 2.21 -27.50 -25.99
C GLY A 740 2.28 -28.13 -24.61
N GLN A 741 1.93 -29.42 -24.53
CA GLN A 741 1.88 -30.12 -23.25
C GLN A 741 3.25 -30.42 -22.65
N ASP A 742 4.30 -30.45 -23.47
CA ASP A 742 5.65 -30.69 -22.98
C ASP A 742 6.17 -29.52 -22.15
N GLN A 743 5.96 -28.30 -22.65
CA GLN A 743 6.31 -27.09 -21.90
C GLN A 743 5.39 -26.91 -20.70
N TRP A 744 4.12 -27.27 -20.88
CA TRP A 744 3.12 -27.11 -19.83
C TRP A 744 3.37 -28.06 -18.66
N ASP A 745 3.57 -29.34 -18.96
CA ASP A 745 3.81 -30.35 -17.92
C ASP A 745 5.12 -30.12 -17.15
N PHE A 746 6.13 -29.60 -17.84
CA PHE A 746 7.40 -29.25 -17.23
C PHE A 746 7.21 -28.15 -16.19
N ALA A 747 6.53 -27.07 -16.59
CA ALA A 747 6.26 -25.95 -15.71
C ALA A 747 5.33 -26.35 -14.55
N TRP A 748 4.39 -27.26 -14.83
CA TRP A 748 3.51 -27.79 -13.79
C TRP A 748 4.33 -28.49 -12.71
N GLY A 749 5.22 -29.38 -13.14
CA GLY A 749 6.15 -30.06 -12.24
C GLY A 749 6.98 -29.09 -11.41
N GLN A 750 7.53 -28.07 -12.08
CA GLN A 750 8.31 -27.03 -11.40
C GLN A 750 7.48 -26.26 -10.37
N LEU A 751 6.22 -26.01 -10.70
CA LEU A 751 5.29 -25.34 -9.77
C LEU A 751 5.02 -26.20 -8.53
N GLN A 752 4.83 -27.51 -8.75
CA GLN A 752 4.53 -28.41 -7.65
C GLN A 752 5.69 -28.57 -6.67
N GLN A 753 6.92 -28.46 -7.19
CA GLN A 753 8.12 -28.62 -6.36
C GLN A 753 8.71 -27.29 -5.86
N ALA A 754 8.09 -26.18 -6.28
CA ALA A 754 8.59 -24.83 -5.96
C ALA A 754 8.57 -24.56 -4.46
N GLN A 755 9.74 -24.26 -3.92
CA GLN A 755 9.88 -24.00 -2.49
C GLN A 755 9.53 -22.56 -2.14
N LEU A 756 9.55 -21.68 -3.14
CA LEU A 756 9.41 -20.24 -2.92
C LEU A 756 8.17 -19.64 -3.56
N VAL A 757 7.46 -18.81 -2.80
CA VAL A 757 6.16 -18.27 -3.19
C VAL A 757 6.22 -17.46 -4.49
N ASN A 758 7.17 -16.52 -4.57
CA ASN A 758 7.30 -15.65 -5.74
C ASN A 758 7.55 -16.40 -7.05
N GLU A 759 8.36 -17.45 -6.98
CA GLU A 759 8.59 -18.32 -8.14
C GLU A 759 7.33 -19.14 -8.47
N ALA A 760 6.67 -19.65 -7.42
CA ALA A 760 5.41 -20.36 -7.61
C ALA A 760 4.36 -19.47 -8.28
N ASP A 761 4.32 -18.19 -7.88
CA ASP A 761 3.42 -17.21 -8.49
C ASP A 761 3.65 -17.02 -9.98
N LYS A 762 4.92 -16.85 -10.37
CA LYS A 762 5.30 -16.68 -11.77
C LYS A 762 4.90 -17.89 -12.63
N LEU A 763 5.13 -19.08 -12.08
CA LEU A 763 4.78 -20.32 -12.77
C LEU A 763 3.27 -20.48 -12.93
N ARG A 764 2.53 -20.24 -11.84
CA ARG A 764 1.07 -20.29 -11.88
C ARG A 764 0.50 -19.35 -12.95
N SER A 765 1.03 -18.15 -13.01
CA SER A 765 0.62 -17.15 -14.00
C SER A 765 0.98 -17.57 -15.43
N ALA A 766 2.19 -18.08 -15.62
CA ALA A 766 2.66 -18.48 -16.95
C ALA A 766 1.91 -19.67 -17.53
N LEU A 767 1.46 -20.57 -16.66
CA LEU A 767 0.69 -21.74 -17.10
C LEU A 767 -0.63 -21.34 -17.76
N ALA A 768 -1.12 -20.14 -17.41
CA ALA A 768 -2.34 -19.59 -17.99
C ALA A 768 -2.14 -19.02 -19.40
N CYS A 769 -0.90 -19.01 -19.87
CA CYS A 769 -0.55 -18.43 -21.18
C CYS A 769 -0.66 -19.42 -22.33
N SER A 770 -0.98 -20.67 -22.03
CA SER A 770 -1.14 -21.69 -23.07
C SER A 770 -2.21 -21.25 -24.06
N ASN A 771 -1.97 -21.55 -25.33
CA ASN A 771 -2.95 -21.28 -26.38
C ASN A 771 -3.73 -22.54 -26.77
N GLU A 772 -3.62 -23.58 -25.95
CA GLU A 772 -4.38 -24.81 -26.14
C GLU A 772 -5.60 -24.83 -25.24
N VAL A 773 -6.78 -24.89 -25.85
CA VAL A 773 -8.06 -24.89 -25.13
C VAL A 773 -8.12 -26.02 -24.09
N TRP A 774 -7.72 -27.23 -24.51
CA TRP A 774 -7.77 -28.40 -23.63
C TRP A 774 -6.88 -28.25 -22.39
N LEU A 775 -5.73 -27.59 -22.55
CA LEU A 775 -4.81 -27.35 -21.45
C LEU A 775 -5.37 -26.35 -20.45
N LEU A 776 -5.93 -25.25 -20.95
CA LEU A 776 -6.54 -24.22 -20.10
C LEU A 776 -7.76 -24.74 -19.34
N ASN A 777 -8.53 -25.62 -19.98
CA ASN A 777 -9.67 -26.28 -19.32
C ASN A 777 -9.24 -27.25 -18.23
N ARG A 778 -8.24 -28.08 -18.54
CA ARG A 778 -7.65 -28.98 -17.55
C ARG A 778 -7.06 -28.19 -16.37
N TYR A 779 -6.43 -27.05 -16.69
CA TYR A 779 -5.86 -26.16 -15.67
C TYR A 779 -6.93 -25.56 -14.76
N LEU A 780 -8.05 -25.13 -15.35
CA LEU A 780 -9.21 -24.68 -14.60
C LEU A 780 -9.71 -25.78 -13.67
N GLY A 781 -9.67 -27.01 -14.17
CA GLY A 781 -10.07 -28.19 -13.38
C GLY A 781 -9.22 -28.43 -12.16
N TYR A 782 -8.02 -27.83 -12.13
CA TYR A 782 -7.12 -27.96 -10.98
C TYR A 782 -7.34 -26.89 -9.92
N THR A 783 -7.82 -25.71 -10.34
CA THR A 783 -7.86 -24.53 -9.48
C THR A 783 -8.67 -24.71 -8.20
N LEU A 784 -9.53 -25.72 -8.18
CA LEU A 784 -10.36 -26.00 -7.02
C LEU A 784 -9.82 -27.18 -6.20
N ASN A 785 -8.81 -27.85 -6.74
CA ASN A 785 -8.10 -28.92 -6.02
C ASN A 785 -7.02 -28.29 -5.14
N PRO A 786 -7.22 -28.35 -3.80
CA PRO A 786 -6.32 -27.73 -2.83
C PRO A 786 -4.98 -28.46 -2.73
N ASP A 787 -4.93 -29.69 -3.21
CA ASP A 787 -3.67 -30.44 -3.32
C ASP A 787 -2.78 -29.92 -4.46
N LEU A 788 -3.39 -29.25 -5.44
CA LEU A 788 -2.68 -28.77 -6.62
C LEU A 788 -2.58 -27.24 -6.67
N ILE A 789 -3.66 -26.58 -6.25
CA ILE A 789 -3.70 -25.12 -6.19
C ILE A 789 -4.26 -24.68 -4.84
N ARG A 790 -3.44 -24.01 -4.04
CA ARG A 790 -3.84 -23.45 -2.75
C ARG A 790 -5.18 -22.73 -2.88
N LYS A 791 -6.05 -22.90 -1.90
CA LYS A 791 -7.36 -22.23 -1.88
C LYS A 791 -7.18 -20.72 -2.06
N GLN A 792 -6.22 -20.15 -1.35
CA GLN A 792 -5.94 -18.72 -1.40
C GLN A 792 -5.40 -18.27 -2.77
N ASP A 793 -5.08 -19.23 -3.62
CA ASP A 793 -4.54 -18.97 -4.96
C ASP A 793 -5.54 -19.25 -6.07
N ALA A 794 -6.71 -19.78 -5.71
CA ALA A 794 -7.68 -20.29 -6.69
C ALA A 794 -8.26 -19.23 -7.61
N THR A 795 -8.77 -18.13 -7.04
CA THR A 795 -9.40 -17.08 -7.82
C THR A 795 -8.38 -16.35 -8.70
N SER A 796 -7.19 -16.16 -8.16
CA SER A 796 -6.06 -15.57 -8.89
C SER A 796 -5.74 -16.36 -10.16
N THR A 797 -5.73 -17.68 -10.04
CA THR A 797 -5.40 -18.56 -11.16
C THR A 797 -6.50 -18.53 -12.23
N ILE A 798 -7.76 -18.56 -11.80
CA ILE A 798 -8.90 -18.42 -12.72
C ILE A 798 -8.84 -17.08 -13.46
N ASN A 799 -8.54 -16.01 -12.72
CA ASN A 799 -8.36 -14.68 -13.31
C ASN A 799 -7.26 -14.64 -14.36
N SER A 800 -6.15 -15.31 -14.07
CA SER A 800 -5.02 -15.37 -14.99
C SER A 800 -5.42 -16.11 -16.27
N ILE A 801 -6.26 -17.12 -16.13
CA ILE A 801 -6.79 -17.84 -17.29
C ILE A 801 -7.75 -16.95 -18.09
N ALA A 802 -8.60 -16.22 -17.38
CA ALA A 802 -9.54 -15.27 -18.00
C ALA A 802 -8.81 -14.21 -18.82
N SER A 803 -7.63 -13.81 -18.33
CA SER A 803 -6.79 -12.80 -18.98
C SER A 803 -6.28 -13.24 -20.35
N ASN A 804 -6.09 -14.54 -20.52
CA ASN A 804 -5.78 -15.13 -21.82
C ASN A 804 -7.01 -15.03 -22.72
N VAL A 805 -6.83 -14.40 -23.88
CA VAL A 805 -7.94 -14.17 -24.80
C VAL A 805 -8.69 -15.48 -25.13
N ILE A 806 -7.95 -16.58 -25.24
CA ILE A 806 -8.51 -17.91 -25.46
C ILE A 806 -9.16 -18.46 -24.19
N GLY A 807 -8.56 -18.16 -23.04
CA GLY A 807 -9.09 -18.58 -21.74
C GLY A 807 -10.34 -17.84 -21.29
N GLN A 808 -10.56 -16.65 -21.85
CA GLN A 808 -11.71 -15.80 -21.52
C GLN A 808 -13.06 -16.55 -21.45
N PRO A 809 -13.50 -17.17 -22.58
CA PRO A 809 -14.77 -17.91 -22.54
C PRO A 809 -14.71 -19.13 -21.62
N LEU A 810 -13.55 -19.76 -21.52
CA LEU A 810 -13.36 -20.94 -20.68
C LEU A 810 -13.56 -20.62 -19.20
N ALA A 811 -12.93 -19.55 -18.74
CA ALA A 811 -13.04 -19.10 -17.34
C ALA A 811 -14.44 -18.61 -16.99
N TRP A 812 -15.04 -17.84 -17.90
CA TRP A 812 -16.42 -17.35 -17.72
C TRP A 812 -17.43 -18.49 -17.64
N ASP A 813 -17.29 -19.49 -18.50
CA ASP A 813 -18.10 -20.71 -18.42
C ASP A 813 -17.86 -21.44 -17.09
N PHE A 814 -16.61 -21.46 -16.65
CA PHE A 814 -16.21 -22.12 -15.41
C PHE A 814 -16.84 -21.47 -14.18
N VAL A 815 -16.79 -20.14 -14.12
CA VAL A 815 -17.31 -19.39 -12.99
C VAL A 815 -18.85 -19.51 -12.88
N GLN A 816 -19.52 -19.49 -14.02
CA GLN A 816 -20.98 -19.64 -14.09
C GLN A 816 -21.42 -21.02 -13.62
N SER A 817 -20.82 -22.06 -14.19
CA SER A 817 -21.16 -23.45 -13.90
C SER A 817 -20.87 -23.82 -12.45
N ASN A 818 -19.76 -23.30 -11.94
CA ASN A 818 -19.30 -23.63 -10.59
C ASN A 818 -19.56 -22.53 -9.57
N TRP A 819 -20.53 -21.66 -9.86
CA TRP A 819 -20.97 -20.64 -8.90
C TRP A 819 -21.63 -21.31 -7.70
N LYS A 820 -22.12 -22.53 -7.94
CA LYS A 820 -22.57 -23.45 -6.91
C LYS A 820 -21.41 -23.85 -5.97
N LYS A 821 -20.48 -22.92 -5.74
CA LYS A 821 -19.34 -23.10 -4.84
C LYS A 821 -19.26 -21.96 -3.82
N LEU A 822 -20.32 -21.16 -3.75
CA LEU A 822 -20.42 -20.09 -2.76
C LEU A 822 -20.72 -20.65 -1.37
N PHE A 823 -21.55 -21.70 -1.32
CA PHE A 823 -21.87 -22.36 -0.05
C PHE A 823 -20.80 -23.37 0.41
N GLN A 824 -19.76 -23.52 -0.40
CA GLN A 824 -18.58 -24.29 -0.01
C GLN A 824 -17.40 -23.37 0.29
N ASP A 825 -17.50 -22.10 -0.11
CA ASP A 825 -16.42 -21.14 0.11
C ASP A 825 -16.81 -19.72 0.49
N TYR A 826 -17.84 -19.57 1.33
CA TYR A 826 -17.98 -18.36 2.14
C TYR A 826 -17.60 -18.71 3.58
N GLY A 827 -17.59 -20.01 3.87
CA GLY A 827 -17.20 -20.53 5.18
C GLY A 827 -15.85 -21.23 5.20
N GLY A 828 -15.40 -21.70 4.03
CA GLY A 828 -14.10 -22.36 3.90
C GLY A 828 -13.03 -21.42 3.39
N GLY A 829 -12.76 -20.36 4.14
CA GLY A 829 -11.92 -19.26 3.67
C GLY A 829 -12.72 -18.33 2.78
N SER A 830 -12.29 -17.07 2.71
CA SER A 830 -13.02 -16.04 1.97
C SER A 830 -13.17 -16.37 0.48
N PHE A 831 -12.04 -16.48 -0.22
CA PHE A 831 -11.96 -16.75 -1.66
C PHE A 831 -11.78 -15.45 -2.46
N SER A 832 -12.65 -14.48 -2.17
CA SER A 832 -12.74 -13.20 -2.91
C SER A 832 -13.56 -13.35 -4.19
N PHE A 833 -14.88 -13.50 -4.00
CA PHE A 833 -15.84 -13.55 -5.11
C PHE A 833 -15.82 -12.23 -5.86
N SER A 834 -15.48 -11.15 -5.16
CA SER A 834 -15.49 -9.80 -5.71
C SER A 834 -14.42 -9.62 -6.79
N ASN A 835 -13.18 -9.97 -6.45
CA ASN A 835 -12.05 -9.85 -7.38
C ASN A 835 -12.14 -10.83 -8.56
N LEU A 836 -12.73 -12.00 -8.31
CA LEU A 836 -12.95 -13.01 -9.34
C LEU A 836 -13.99 -12.56 -10.37
N ILE A 837 -15.08 -11.97 -9.89
CA ILE A 837 -16.13 -11.45 -10.76
C ILE A 837 -15.59 -10.33 -11.65
N GLN A 838 -14.83 -9.40 -11.06
CA GLN A 838 -14.30 -8.26 -11.79
C GLN A 838 -13.31 -8.70 -12.87
N GLY A 839 -12.44 -9.64 -12.51
CA GLY A 839 -11.41 -10.15 -13.42
C GLY A 839 -11.99 -10.84 -14.65
N VAL A 840 -12.95 -11.72 -14.42
CA VAL A 840 -13.55 -12.51 -15.51
C VAL A 840 -14.50 -11.70 -16.40
N THR A 841 -15.12 -10.65 -15.85
CA THR A 841 -16.06 -9.81 -16.62
C THR A 841 -15.40 -8.53 -17.13
N ARG A 842 -14.15 -8.33 -16.75
CA ARG A 842 -13.32 -7.19 -17.15
C ARG A 842 -13.46 -6.82 -18.64
N ARG A 843 -13.44 -7.83 -19.50
CA ARG A 843 -13.46 -7.63 -20.96
C ARG A 843 -14.81 -7.22 -21.56
N PHE A 844 -15.90 -7.58 -20.88
CA PHE A 844 -17.25 -7.43 -21.42
C PHE A 844 -17.48 -6.00 -21.93
N SER A 845 -17.85 -5.90 -23.20
CA SER A 845 -17.97 -4.59 -23.84
C SER A 845 -19.04 -4.55 -24.93
N SER A 846 -19.91 -5.57 -24.94
CA SER A 846 -21.00 -5.63 -25.90
C SER A 846 -22.34 -5.87 -25.22
N GLU A 847 -23.42 -5.49 -25.91
CA GLU A 847 -24.78 -5.75 -25.45
C GLU A 847 -25.01 -7.23 -25.20
N PHE A 848 -24.49 -8.06 -26.11
CA PHE A 848 -24.61 -9.51 -26.00
C PHE A 848 -23.98 -10.05 -24.71
N GLU A 849 -22.80 -9.54 -24.36
CA GLU A 849 -22.13 -9.91 -23.12
C GLU A 849 -22.89 -9.39 -21.89
N LEU A 850 -23.47 -8.21 -22.01
CA LEU A 850 -24.31 -7.64 -20.97
C LEU A 850 -25.54 -8.52 -20.71
N GLN A 851 -26.16 -9.00 -21.79
CA GLN A 851 -27.28 -9.94 -21.72
C GLN A 851 -26.93 -11.21 -20.95
N GLN A 852 -25.70 -11.70 -21.13
CA GLN A 852 -25.22 -12.90 -20.46
C GLN A 852 -24.96 -12.66 -18.98
N LEU A 853 -24.44 -11.49 -18.65
CA LEU A 853 -24.20 -11.11 -17.26
C LEU A 853 -25.52 -10.96 -16.50
N GLU A 854 -26.53 -10.45 -17.21
CA GLU A 854 -27.89 -10.31 -16.66
C GLU A 854 -28.56 -11.69 -16.49
N GLN A 855 -28.43 -12.54 -17.49
CA GLN A 855 -29.00 -13.89 -17.47
C GLN A 855 -28.38 -14.76 -16.36
N PHE A 856 -27.08 -14.59 -16.14
CA PHE A 856 -26.38 -15.26 -15.04
C PHE A 856 -26.91 -14.80 -13.68
N LYS A 857 -27.21 -13.50 -13.59
CA LYS A 857 -27.75 -12.89 -12.38
C LYS A 857 -29.14 -13.45 -12.02
N LYS A 858 -29.85 -13.97 -13.02
CA LYS A 858 -31.19 -14.52 -12.83
C LYS A 858 -31.28 -15.74 -11.90
N ASN A 859 -30.16 -16.11 -11.28
CA ASN A 859 -30.18 -17.03 -10.14
C ASN A 859 -30.15 -16.29 -8.81
N ASN A 860 -30.96 -15.24 -8.71
CA ASN A 860 -31.15 -14.51 -7.46
C ASN A 860 -31.81 -15.37 -6.38
N MET A 861 -32.70 -16.26 -6.80
CA MET A 861 -33.37 -17.19 -5.91
C MET A 861 -32.36 -18.17 -5.31
N ASP A 862 -31.90 -17.85 -4.10
CA ASP A 862 -30.91 -18.65 -3.35
C ASP A 862 -29.47 -18.50 -3.85
N VAL A 863 -28.55 -19.02 -3.04
CA VAL A 863 -27.08 -18.96 -3.24
C VAL A 863 -26.45 -17.56 -3.30
N GLY A 864 -27.21 -16.57 -3.77
CA GLY A 864 -26.77 -15.17 -3.79
C GLY A 864 -25.44 -14.93 -4.46
N PHE A 865 -24.69 -13.95 -3.96
CA PHE A 865 -23.40 -13.59 -4.53
C PHE A 865 -22.32 -13.36 -3.45
N GLY A 866 -22.78 -13.20 -2.21
CA GLY A 866 -21.89 -13.10 -1.05
C GLY A 866 -21.15 -11.79 -0.89
N SER A 867 -19.82 -11.87 -0.85
CA SER A 867 -18.95 -10.69 -0.81
C SER A 867 -18.67 -10.15 -2.21
N GLY A 868 -19.22 -10.82 -3.22
CA GLY A 868 -19.15 -10.39 -4.60
C GLY A 868 -20.46 -9.77 -5.07
N THR A 869 -21.45 -9.79 -4.19
CA THR A 869 -22.70 -9.04 -4.38
C THR A 869 -22.33 -7.58 -4.62
N ARG A 870 -22.94 -6.98 -5.64
CA ARG A 870 -22.73 -5.57 -5.98
C ARG A 870 -21.36 -5.28 -6.59
N ALA A 871 -20.42 -6.21 -6.44
CA ALA A 871 -19.28 -6.31 -7.33
C ALA A 871 -19.82 -6.83 -8.65
N LEU A 872 -20.84 -7.69 -8.55
CA LEU A 872 -21.65 -8.10 -9.69
C LEU A 872 -22.43 -6.91 -10.26
N GLU A 873 -22.80 -5.95 -9.41
CA GLU A 873 -23.46 -4.73 -9.88
C GLU A 873 -22.45 -3.81 -10.54
N GLN A 874 -21.25 -3.76 -9.99
CA GLN A 874 -20.14 -3.01 -10.58
C GLN A 874 -19.82 -3.52 -11.99
N ALA A 875 -19.90 -4.84 -12.18
CA ALA A 875 -19.62 -5.48 -13.47
C ALA A 875 -20.67 -5.10 -14.51
N LEU A 876 -21.93 -5.08 -14.10
CA LEU A 876 -23.03 -4.67 -14.97
C LEU A 876 -22.89 -3.20 -15.37
N GLU A 877 -22.54 -2.36 -14.39
CA GLU A 877 -22.30 -0.94 -14.63
C GLU A 877 -21.09 -0.69 -15.54
N LYS A 878 -19.99 -1.38 -15.26
CA LYS A 878 -18.77 -1.25 -16.06
C LYS A 878 -18.97 -1.71 -17.50
N THR A 879 -19.70 -2.82 -17.67
CA THR A 879 -20.00 -3.33 -19.01
C THR A 879 -20.72 -2.27 -19.86
N LYS A 880 -21.69 -1.60 -19.24
CA LYS A 880 -22.40 -0.48 -19.89
C LYS A 880 -21.45 0.63 -20.29
N ALA A 881 -20.55 1.01 -19.38
CA ALA A 881 -19.52 2.00 -19.66
C ALA A 881 -18.60 1.57 -20.81
N ASN A 882 -18.24 0.29 -20.82
CA ASN A 882 -17.40 -0.27 -21.89
C ASN A 882 -18.11 -0.28 -23.25
N ILE A 883 -19.37 -0.71 -23.26
CA ILE A 883 -20.21 -0.66 -24.46
C ILE A 883 -20.21 0.74 -25.05
N LYS A 884 -20.44 1.74 -24.19
CA LYS A 884 -20.48 3.14 -24.62
C LYS A 884 -19.10 3.62 -25.12
N TRP A 885 -18.04 3.21 -24.43
CA TRP A 885 -16.68 3.60 -24.79
C TRP A 885 -16.25 3.01 -26.13
N VAL A 886 -16.49 1.71 -26.32
CA VAL A 886 -16.15 1.01 -27.57
C VAL A 886 -16.93 1.61 -28.75
N LYS A 887 -18.21 1.90 -28.54
CA LYS A 887 -19.05 2.50 -29.57
C LYS A 887 -18.51 3.87 -30.00
N GLU A 888 -18.05 4.66 -29.04
CA GLU A 888 -17.51 5.99 -29.30
C GLU A 888 -16.11 5.97 -29.92
N ASN A 889 -15.33 4.94 -29.60
CA ASN A 889 -13.90 4.94 -29.91
C ASN A 889 -13.42 3.97 -30.99
N LYS A 890 -14.20 2.90 -31.24
CA LYS A 890 -13.80 1.83 -32.14
C LYS A 890 -13.23 2.31 -33.49
N GLU A 891 -14.01 3.13 -34.20
CA GLU A 891 -13.63 3.61 -35.53
C GLU A 891 -12.39 4.51 -35.53
N VAL A 892 -12.42 5.54 -34.67
CA VAL A 892 -11.31 6.48 -34.56
C VAL A 892 -9.99 5.79 -34.18
N VAL A 893 -10.07 4.80 -33.28
CA VAL A 893 -8.88 4.08 -32.81
C VAL A 893 -8.31 3.10 -33.84
N LEU A 894 -9.20 2.36 -34.50
CA LEU A 894 -8.82 1.46 -35.58
C LEU A 894 -8.00 2.18 -36.65
N ASN A 895 -8.51 3.32 -37.10
CA ASN A 895 -7.87 4.09 -38.16
C ASN A 895 -6.52 4.68 -37.75
N TRP A 896 -6.40 5.08 -36.48
CA TRP A 896 -5.14 5.61 -35.96
C TRP A 896 -4.03 4.54 -36.00
N PHE A 897 -4.34 3.35 -35.49
CA PHE A 897 -3.37 2.25 -35.49
C PHE A 897 -2.99 1.82 -36.91
N ILE A 898 -3.98 1.64 -37.79
CA ILE A 898 -3.71 1.33 -39.19
C ILE A 898 -2.74 2.34 -39.79
N GLU A 899 -3.07 3.63 -39.64
CA GLU A 899 -2.26 4.73 -40.15
C GLU A 899 -0.81 4.73 -39.64
N HIS A 900 -0.63 4.43 -38.35
CA HIS A 900 0.69 4.56 -37.74
C HIS A 900 1.47 3.25 -37.56
N SER A 901 0.96 2.15 -38.13
CA SER A 901 1.72 0.90 -38.18
C SER A 901 2.34 0.70 -39.56
N SER A 902 2.97 1.77 -40.06
CA SER A 902 3.60 1.80 -41.38
C SER A 902 2.61 1.58 -42.54
N ARG B 1 -0.37 1.04 9.39
CA ARG B 1 0.00 -0.16 8.55
C ARG B 1 0.67 0.11 7.18
N PRO B 2 1.53 -0.78 6.59
CA PRO B 2 2.70 -0.62 5.71
C PRO B 2 2.82 0.11 4.35
N LYS B 3 1.73 0.60 3.76
CA LYS B 3 1.73 0.94 2.29
C LYS B 3 2.70 1.91 1.49
N PRO B 4 3.69 1.34 0.78
CA PRO B 4 4.42 1.86 -0.37
C PRO B 4 3.63 1.98 -1.66
N GLN B 5 2.80 0.98 -1.95
CA GLN B 5 1.99 0.90 -3.19
C GLN B 5 2.78 0.42 -4.40
N GLN B 6 2.16 -0.46 -5.20
CA GLN B 6 2.75 -0.94 -6.45
C GLN B 6 2.69 0.17 -7.51
N PHE B 7 3.71 0.20 -8.36
CA PHE B 7 4.04 1.40 -9.14
C PHE B 7 3.52 1.41 -10.58
N PHE B 8 2.19 1.34 -10.68
CA PHE B 8 1.48 1.35 -11.97
C PHE B 8 0.37 2.43 -11.91
N GLY B 9 -0.85 2.00 -11.55
CA GLY B 9 -1.99 2.89 -11.28
C GLY B 9 -2.31 3.96 -12.31
N LEU B 10 -3.39 3.76 -13.06
CA LEU B 10 -3.82 4.75 -14.06
C LEU B 10 -5.21 4.55 -14.67
N MET B 11 -6.19 5.23 -14.08
CA MET B 11 -7.43 5.58 -14.78
C MET B 11 -7.50 7.10 -14.88
C1 NAG C . 5.16 -3.48 37.99
C2 NAG C . 4.85 -3.31 39.48
C3 NAG C . 6.11 -2.94 40.24
C4 NAG C . 7.24 -3.92 39.94
C5 NAG C . 7.43 -4.05 38.43
C6 NAG C . 8.46 -5.11 38.04
C7 NAG C . 2.80 -2.35 40.40
C8 NAG C . 1.90 -1.15 40.42
N2 NAG C . 3.87 -2.26 39.62
O3 NAG C . 5.84 -2.91 41.63
O4 NAG C . 8.41 -3.41 40.54
O5 NAG C . 6.20 -4.42 37.82
O6 NAG C . 8.15 -6.33 38.68
O7 NAG C . 2.52 -3.33 41.08
C1 NAG C . 9.09 -4.40 41.36
C2 NAG C . 10.48 -3.84 41.64
C3 NAG C . 11.31 -4.77 42.53
C4 NAG C . 10.55 -5.50 43.64
C5 NAG C . 9.07 -5.77 43.29
C6 NAG C . 8.27 -6.05 44.57
C7 NAG C . 11.52 -2.39 39.94
C8 NAG C . 11.24 -1.19 40.81
N2 NAG C . 11.15 -3.59 40.38
O3 NAG C . 12.35 -4.00 43.10
O4 NAG C . 11.25 -6.72 43.87
O5 NAG C . 8.46 -4.69 42.59
O6 NAG C . 6.91 -5.75 44.41
O7 NAG C . 12.09 -2.24 38.86
C1 NAG C . 11.73 -6.94 45.23
C2 NAG C . 12.48 -5.71 45.80
C3 NAG C . 12.29 -5.41 47.30
C4 NAG C . 11.22 -6.23 48.02
C5 NAG C . 11.09 -7.62 47.41
C6 NAG C . 10.04 -8.46 48.12
C7 NAG C . 14.73 -4.78 45.34
C8 NAG C . 16.14 -5.11 44.98
N2 NAG C . 13.89 -5.82 45.46
O3 NAG C . 12.01 -4.03 47.43
O4 NAG C . 11.53 -6.32 49.40
O5 NAG C . 10.71 -7.46 46.06
O6 NAG C . 10.65 -9.17 49.18
O7 NAG C . 14.40 -3.61 45.53
C1 NAG D . -14.94 -16.89 27.81
C2 NAG D . -14.29 -18.14 27.20
C3 NAG D . -15.24 -18.78 26.21
C4 NAG D . -16.64 -18.98 26.80
C5 NAG D . -17.12 -17.70 27.51
C6 NAG D . -18.43 -17.88 28.27
C7 NAG D . -11.85 -18.06 27.01
C8 NAG D . -10.69 -17.69 26.13
N2 NAG D . -13.05 -17.83 26.50
O3 NAG D . -14.70 -20.01 25.79
O4 NAG D . -17.51 -19.33 25.74
O5 NAG D . -16.15 -17.28 28.43
O6 NAG D . -18.21 -18.66 29.42
O7 NAG D . -11.64 -18.53 28.13
C1 NAG D . -18.14 -20.60 26.02
C2 NAG D . -19.39 -20.75 25.15
C3 NAG D . -19.86 -22.21 24.93
C4 NAG D . -19.06 -23.35 25.61
C5 NAG D . -17.89 -22.83 26.48
C6 NAG D . -16.80 -23.88 26.73
C7 NAG D . -20.80 -18.73 25.30
C8 NAG D . -21.91 -18.05 26.04
N2 NAG D . -20.45 -19.94 25.74
O3 NAG D . -19.91 -22.47 23.54
O4 NAG D . -19.96 -24.13 26.39
O5 NAG D . -17.29 -21.70 25.87
O6 NAG D . -15.95 -23.99 25.61
O7 NAG D . -20.28 -18.17 24.33
C1 NAG D . -19.91 -25.57 26.16
C2 NAG D . -20.39 -26.02 24.78
C3 NAG D . -20.42 -27.55 24.68
C4 NAG D . -19.13 -28.19 25.19
C5 NAG D . -18.65 -27.57 26.51
C6 NAG D . -17.26 -28.08 26.91
C7 NAG D . -22.03 -24.92 23.32
C8 NAG D . -23.43 -24.40 23.21
N2 NAG D . -21.71 -25.46 24.50
O3 NAG D . -20.66 -27.94 23.35
O4 NAG D . -19.33 -29.58 25.35
O5 NAG D . -18.64 -26.16 26.43
O6 NAG D . -16.27 -27.62 26.01
O7 NAG D . -21.26 -24.85 22.37
C1 NAG E . 7.19 0.26 35.06
C2 NAG E . 6.39 0.79 36.24
C3 NAG E . 6.93 2.16 36.66
C4 NAG E . 8.44 2.11 36.88
C5 NAG E . 9.12 1.48 35.65
C6 NAG E . 10.64 1.39 35.77
C7 NAG E . 4.06 0.34 36.81
C8 NAG E . 2.63 0.43 36.37
N2 NAG E . 4.98 0.82 35.96
O3 NAG E . 6.27 2.54 37.84
O4 NAG E . 8.96 3.41 37.08
O5 NAG E . 8.57 0.20 35.38
O6 NAG E . 10.99 0.49 36.79
O7 NAG E . 4.34 -0.16 37.91
C1 NAG E . 9.15 3.71 38.47
C2 NAG E . 10.17 4.84 38.59
C3 NAG E . 10.28 5.40 40.02
C4 NAG E . 8.91 5.62 40.65
C5 NAG E . 8.06 4.36 40.47
C6 NAG E . 6.66 4.49 41.09
C7 NAG E . 11.88 4.83 36.88
C8 NAG E . 13.23 4.34 36.41
N2 NAG E . 11.46 4.42 38.07
O3 NAG E . 10.96 6.64 39.96
O4 NAG E . 9.05 5.91 42.03
O5 NAG E . 7.94 4.12 39.09
O6 NAG E . 5.93 5.49 40.41
O7 NAG E . 11.22 5.58 36.16
C1 NAG F . 10.78 -26.82 21.92
C2 NAG F . 11.22 -27.30 20.54
C3 NAG F . 10.06 -28.02 19.85
C4 NAG F . 9.41 -29.08 20.75
C5 NAG F . 9.18 -28.57 22.19
C6 NAG F . 8.78 -29.70 23.13
C7 NAG F . 12.94 -25.78 19.65
C8 NAG F . 13.25 -24.63 18.75
N2 NAG F . 11.68 -26.20 19.70
O3 NAG F . 10.49 -28.62 18.65
O4 NAG F . 8.16 -29.41 20.18
O5 NAG F . 10.34 -27.93 22.70
O6 NAG F . 9.92 -30.46 23.47
O7 NAG F . 13.85 -26.30 20.31
C1 NAG F . 8.12 -30.75 19.64
C2 NAG F . 6.64 -31.11 19.42
C3 NAG F . 6.50 -32.50 18.76
C4 NAG F . 7.45 -32.68 17.57
C5 NAG F . 8.87 -32.20 17.90
C6 NAG F . 9.76 -32.23 16.67
C7 NAG F . 4.89 -30.25 20.92
C8 NAG F . 4.25 -30.39 22.28
N2 NAG F . 5.90 -31.08 20.67
O3 NAG F . 5.17 -32.66 18.33
O4 NAG F . 7.47 -34.04 17.21
O5 NAG F . 8.86 -30.89 18.44
O6 NAG F . 11.12 -32.07 17.04
O7 NAG F . 4.47 -29.39 20.14
C1 NAG G . 24.52 -7.13 1.47
C2 NAG G . 24.32 -7.81 0.11
C3 NAG G . 25.54 -8.62 -0.32
C4 NAG G . 26.82 -7.81 -0.20
C5 NAG G . 26.91 -7.14 1.17
C6 NAG G . 28.10 -6.20 1.29
C7 NAG G . 22.14 -8.47 -0.73
C8 NAG G . 21.02 -9.48 -0.71
N2 NAG G . 23.17 -8.71 0.08
O3 NAG G . 25.35 -9.05 -1.64
O4 NAG G . 27.93 -8.67 -0.38
O5 NAG G . 25.73 -6.40 1.44
O6 NAG G . 27.89 -5.03 0.52
O7 NAG G . 22.06 -7.48 -1.45
C1 NAG G . 28.36 -8.66 -1.75
C2 NAG G . 29.88 -8.78 -1.81
C3 NAG G . 30.41 -9.05 -3.22
C4 NAG G . 29.50 -9.86 -4.15
C5 NAG G . 28.01 -9.59 -3.88
C6 NAG G . 27.08 -10.53 -4.65
C7 NAG G . 31.05 -7.50 -0.06
C8 NAG G . 31.59 -6.16 0.35
N2 NAG G . 30.48 -7.56 -1.27
O3 NAG G . 31.64 -9.72 -3.07
O4 NAG G . 29.75 -9.51 -5.51
O5 NAG G . 27.76 -9.69 -2.49
O6 NAG G . 27.17 -11.84 -4.14
O7 NAG G . 31.15 -8.46 0.70
C1 NAG G . 30.50 -10.47 -6.31
C2 NAG G . 32.01 -10.40 -6.04
C3 NAG G . 32.77 -11.13 -7.16
C4 NAG G . 32.16 -12.52 -7.42
C5 NAG G . 30.62 -12.57 -7.39
C6 NAG G . 30.08 -14.00 -7.35
C7 NAG G . 33.42 -8.28 -6.10
C8 NAG G . 33.36 -6.87 -5.64
N2 NAG G . 32.34 -9.00 -5.80
O3 NAG G . 34.12 -11.29 -6.80
O4 NAG G . 32.60 -12.98 -8.69
O5 NAG G . 30.09 -11.84 -6.28
O6 NAG G . 30.94 -14.85 -6.64
O7 NAG G . 34.41 -8.71 -6.71
C1 NAG H . 19.97 19.23 14.39
C2 NAG H . 21.24 18.49 14.79
C3 NAG H . 22.33 19.44 15.31
C4 NAG H . 22.41 20.77 14.53
C5 NAG H . 20.99 21.33 14.37
C6 NAG H . 20.90 22.71 13.70
C7 NAG H . 20.61 16.22 15.53
C8 NAG H . 20.28 15.37 16.72
N2 NAG H . 20.91 17.50 15.79
O3 NAG H . 23.56 18.77 15.26
O4 NAG H . 23.24 21.68 15.19
O5 NAG H . 20.22 20.40 13.63
O6 NAG H . 21.43 22.68 12.39
O7 NAG H . 20.59 15.72 14.40
C1 NAG H . 24.29 22.18 14.32
C2 NAG H . 24.86 23.48 14.91
C3 NAG H . 26.03 24.01 14.09
C4 NAG H . 27.06 22.91 13.86
C5 NAG H . 26.41 21.65 13.29
C6 NAG H . 27.38 20.47 13.18
C7 NAG H . 23.26 24.81 16.18
C8 NAG H . 22.21 25.89 16.15
N2 NAG H . 23.83 24.51 15.01
O3 NAG H . 26.64 25.10 14.76
O4 NAG H . 28.06 23.40 12.98
O5 NAG H . 25.32 21.23 14.11
O6 NAG H . 28.66 20.90 12.76
O7 NAG H . 23.54 24.26 17.25
C1 NAG I . -1.88 15.45 23.80
C2 NAG I . -1.76 15.26 25.31
C3 NAG I . -1.60 16.57 26.09
C4 NAG I . -0.55 17.52 25.49
C5 NAG I . -0.83 17.68 23.99
C6 NAG I . 0.29 18.46 23.29
C7 NAG I . -2.87 13.52 26.50
C8 NAG I . -4.16 12.86 26.90
N2 NAG I . -2.96 14.58 25.72
O3 NAG I . -1.23 16.28 27.43
O4 NAG I . -0.63 18.75 26.18
O5 NAG I . -0.90 16.42 23.36
O6 NAG I . -0.01 18.66 21.92
O7 NAG I . -1.78 13.11 26.89
C1 NAG I . 0.63 19.17 26.71
C2 NAG I . 0.56 20.67 27.01
C3 NAG I . 1.86 21.19 27.60
C4 NAG I . 2.37 20.28 28.73
C5 NAG I . 2.36 18.81 28.28
C6 NAG I . 2.89 17.85 29.35
C7 NAG I . -0.93 21.84 25.43
C8 NAG I . -2.09 21.69 26.38
N2 NAG I . 0.27 21.38 25.77
O3 NAG I . 1.69 22.51 28.10
O4 NAG I . 3.68 20.67 29.08
O5 NAG I . 1.06 18.45 27.87
O6 NAG I . 2.00 17.78 30.45
O7 NAG I . -1.12 22.42 24.36
C1 NAG J . -8.11 35.27 -22.39
C2 NAG J . -9.23 34.83 -23.35
C3 NAG J . -9.87 36.09 -23.93
C4 NAG J . -10.35 37.06 -22.84
C5 NAG J . -9.34 37.20 -21.68
C6 NAG J . -10.02 37.77 -20.43
C7 NAG J . -8.77 32.61 -24.39
C8 NAG J . -9.32 31.88 -23.19
N2 NAG J . -8.74 33.95 -24.41
O3 NAG J . -10.96 35.73 -24.77
O4 NAG J . -10.56 38.33 -23.44
O5 NAG J . -8.72 35.96 -21.32
O6 NAG J . -9.05 38.07 -19.45
O7 NAG J . -8.35 31.94 -25.33
C1 NAG J . -11.81 38.96 -23.07
C2 NAG J . -11.64 40.48 -23.10
C3 NAG J . -12.93 41.18 -22.68
C4 NAG J . -14.09 40.70 -23.56
C5 NAG J . -14.17 39.17 -23.51
C6 NAG J . -15.27 38.62 -24.41
C7 NAG J . -9.40 41.44 -22.79
C8 NAG J . -9.25 41.56 -24.29
N2 NAG J . -10.52 40.93 -22.29
O3 NAG J . -12.80 42.58 -22.79
O4 NAG J . -15.31 41.28 -23.12
O5 NAG J . -12.92 38.59 -23.89
O6 NAG J . -16.54 38.92 -23.87
O7 NAG J . -8.47 41.82 -22.06
C1 NAG K . 13.33 16.37 -12.06
C2 NAG K . 14.26 17.38 -11.37
C3 NAG K . 15.73 17.01 -11.57
C4 NAG K . 16.02 15.52 -11.33
C5 NAG K . 15.00 14.64 -12.06
C6 NAG K . 15.16 13.16 -11.71
C7 NAG K . 13.66 19.75 -11.07
C8 NAG K . 13.43 21.07 -11.74
N2 NAG K . 14.00 18.73 -11.86
O3 NAG K . 16.50 17.80 -10.68
O4 NAG K . 17.32 15.18 -11.77
O5 NAG K . 13.69 15.05 -11.71
O6 NAG K . 14.27 12.37 -12.47
O7 NAG K . 13.52 19.66 -9.86
C1 NAG K . 18.23 15.03 -10.66
C2 NAG K . 19.38 14.11 -11.06
C3 NAG K . 20.39 13.96 -9.92
C4 NAG K . 20.85 15.33 -9.45
C5 NAG K . 19.64 16.22 -9.13
C6 NAG K . 20.06 17.65 -8.77
C7 NAG K . 18.82 12.50 -12.81
C8 NAG K . 18.35 11.11 -13.12
N2 NAG K . 18.93 12.80 -11.52
O3 NAG K . 21.49 13.18 -10.35
O4 NAG K . 21.67 15.19 -8.30
O5 NAG K . 18.76 16.27 -10.24
O6 NAG K . 20.21 18.44 -9.94
O7 NAG K . 19.07 13.29 -13.72
C1 NAG L . -26.38 13.57 -13.77
C2 NAG L . -26.78 12.17 -14.23
C3 NAG L . -27.36 12.22 -15.64
C4 NAG L . -28.52 13.22 -15.70
C5 NAG L . -28.14 14.56 -15.06
C6 NAG L . -29.37 15.45 -14.91
C7 NAG L . -24.66 10.95 -14.87
C8 NAG L . -23.71 9.88 -14.43
N2 NAG L . -25.69 11.18 -14.06
O3 NAG L . -27.82 10.94 -16.02
O4 NAG L . -28.90 13.41 -17.04
O5 NAG L . -27.54 14.40 -13.78
O6 NAG L . -29.07 16.77 -15.31
O7 NAG L . -24.45 11.53 -15.94
C1 NAG M . 19.80 17.01 -27.64
C2 NAG M . 21.25 17.02 -28.17
C3 NAG M . 22.29 16.77 -27.08
C4 NAG M . 21.98 17.54 -25.80
C5 NAG M . 20.54 17.30 -25.38
C6 NAG M . 20.16 18.01 -24.08
C7 NAG M . 21.29 16.36 -30.53
C8 NAG M . 21.48 15.22 -31.50
N2 NAG M . 21.39 16.05 -29.23
O3 NAG M . 23.57 17.12 -27.56
O4 NAG M . 22.88 17.15 -24.78
O5 NAG M . 19.69 17.75 -26.43
O6 NAG M . 20.27 19.41 -24.22
O7 NAG M . 21.06 17.49 -30.95
ZN ZN N . 2.58 3.46 7.45
#